data_6YYI
#
_entry.id   6YYI
#
_cell.length_a   160.950
_cell.length_b   160.950
_cell.length_c   103.630
_cell.angle_alpha   90.000
_cell.angle_beta   90.000
_cell.angle_gamma   120.000
#
_symmetry.space_group_name_H-M   'P 31 2 1'
#
loop_
_entity.id
_entity.type
_entity.pdbx_description
1 polymer Beta-xylosidase
2 non-polymer 1,2-ETHANEDIOL
3 non-polymer 'CITRIC ACID'
4 non-polymer 'SULFATE ION'
5 non-polymer beta-D-xylopyranose
6 non-polymer 'SODIUM ION'
7 water water
#
_entity_poly.entity_id   1
_entity_poly.type   'polypeptide(L)'
_entity_poly.pdbx_seq_one_letter_code
;MGSSHHHHHHSSGLVPRGSHMAMNHIKIEKGKYVGVFPDNWKFCVGSGRIGLALQKEYIDALSFVKRHIDFKYLRAHGLL
HDDVGIYREDIVDGKTIPFYNFTYIDRIYDSFLEIGIRPFVEIGFMPSKLASGDQTVFYWRGNVTPPKDYKEWEKLIKNV
VKHFIDRYGEKEVTQWPFEIWNEPNLTVFWKDANQAEYFKLYEVTVKAIKEVNENIKVGGPAICGGSDYWITDFLNFCYK
NNVPVDFLTRHAYTGKPPIYTPHFVYQDVHPIEYMLNEFKTVREMVKNSPFPNLPIHITEFNSSYHPLCPIHDTPFNAAY
LARVLSEGGDYVDSFSYWTFSDVFEEADVPRSLFHGGFGLVAFHNIPKPVFHMFTFFNAMGEKILYRDDHILITEREDKS
VALIAWNEVMTKEENQERKYRIEIPVDYKEVFIKQKLIDEEYGNPWRTWIQMGRPRFPSKKQIETLREVATPKVTTFRKT
VENGHITLEFTLGKNAVTLFEISKVIDESHTYIGLDDSKIPGGY
;
_entity_poly.pdbx_strand_id   A,B
#
# COMPACT_ATOMS: atom_id res chain seq x y z
N MET A 23 36.01 26.45 -25.49
CA MET A 23 34.84 26.95 -24.78
C MET A 23 34.94 26.49 -23.30
N ASN A 24 34.48 27.34 -22.37
CA ASN A 24 34.64 27.23 -20.92
C ASN A 24 35.94 26.56 -20.45
N HIS A 25 37.01 27.35 -20.28
CA HIS A 25 38.28 26.90 -19.73
C HIS A 25 38.37 27.35 -18.27
N ILE A 26 38.76 26.43 -17.40
CA ILE A 26 38.70 26.64 -15.95
C ILE A 26 40.03 26.19 -15.35
N LYS A 27 40.69 27.09 -14.60
CA LYS A 27 41.94 26.77 -13.91
C LYS A 27 41.70 26.92 -12.41
N ILE A 28 41.62 25.78 -11.71
CA ILE A 28 41.47 25.77 -10.27
C ILE A 28 42.80 26.16 -9.65
N GLU A 29 42.84 27.29 -8.96
CA GLU A 29 44.06 27.72 -8.30
C GLU A 29 44.17 27.05 -6.92
N LYS A 30 45.40 26.63 -6.57
CA LYS A 30 45.61 25.77 -5.41
C LYS A 30 45.20 26.46 -4.12
N GLY A 31 44.37 25.77 -3.33
CA GLY A 31 44.04 26.26 -2.01
C GLY A 31 43.13 27.46 -1.96
N LYS A 32 42.43 27.79 -3.03
CA LYS A 32 41.48 28.90 -3.01
C LYS A 32 40.05 28.38 -3.07
N TYR A 33 39.17 29.02 -2.31
CA TYR A 33 37.75 28.68 -2.27
C TYR A 33 36.93 29.92 -2.56
N VAL A 34 35.66 29.69 -2.88
CA VAL A 34 34.67 30.74 -2.80
C VAL A 34 33.65 30.26 -1.79
N GLY A 35 32.40 30.13 -2.20
CA GLY A 35 31.35 29.80 -1.24
C GLY A 35 31.46 28.46 -0.54
N VAL A 36 30.39 28.13 0.18
CA VAL A 36 30.22 26.84 0.85
C VAL A 36 28.96 26.20 0.28
N PHE A 37 29.04 24.91 -0.08
CA PHE A 37 27.86 24.22 -0.60
C PHE A 37 27.11 23.53 0.54
N PRO A 38 25.92 23.99 0.89
CA PRO A 38 25.21 23.42 2.04
C PRO A 38 24.36 22.24 1.62
N ASP A 39 23.67 21.61 2.57
CA ASP A 39 22.91 20.42 2.23
C ASP A 39 21.43 20.70 2.09
N ASN A 40 21.03 21.96 1.96
CA ASN A 40 19.61 22.29 1.81
C ASN A 40 18.96 21.50 0.69
N TRP A 41 19.72 21.15 -0.35
CA TRP A 41 19.13 20.50 -1.51
C TRP A 41 18.43 19.19 -1.13
N LYS A 42 18.90 18.52 -0.07
CA LYS A 42 18.28 17.29 0.39
C LYS A 42 17.51 17.48 1.67
N PHE A 43 17.08 18.71 1.96
CA PHE A 43 16.33 18.89 3.19
C PHE A 43 14.95 18.25 3.09
N CYS A 44 14.33 18.27 1.92
CA CYS A 44 12.91 17.99 1.84
C CYS A 44 12.57 17.59 0.39
N VAL A 45 11.56 16.73 0.25
CA VAL A 45 11.11 16.26 -1.07
C VAL A 45 9.61 16.08 -0.99
N GLY A 46 8.96 16.15 -2.16
CA GLY A 46 7.51 16.18 -2.22
C GLY A 46 6.90 14.83 -2.55
N SER A 47 5.57 14.81 -2.57
CA SER A 47 4.87 13.53 -2.62
C SER A 47 3.42 13.73 -3.05
N GLY A 48 2.80 12.63 -3.53
CA GLY A 48 1.35 12.58 -3.67
C GLY A 48 0.68 12.66 -2.32
N ARG A 49 -0.65 12.80 -2.33
CA ARG A 49 -1.38 13.06 -1.08
C ARG A 49 -1.09 11.98 -0.03
N ILE A 50 -1.18 12.38 1.24
CA ILE A 50 -0.81 11.52 2.37
C ILE A 50 -1.56 10.19 2.31
N GLY A 51 -2.83 10.21 1.89
CA GLY A 51 -3.56 8.96 1.73
C GLY A 51 -2.89 7.97 0.79
N LEU A 52 -2.16 8.48 -0.21
CA LEU A 52 -1.44 7.60 -1.11
C LEU A 52 -0.24 6.93 -0.43
N ALA A 53 0.22 7.45 0.71
CA ALA A 53 1.30 6.78 1.45
C ALA A 53 0.90 5.41 1.98
N LEU A 54 -0.39 5.06 2.01
CA LEU A 54 -0.79 3.71 2.35
C LEU A 54 -0.39 2.68 1.30
N GLN A 55 -0.06 3.12 0.08
CA GLN A 55 0.18 2.22 -1.03
C GLN A 55 1.52 1.50 -0.89
N LYS A 56 1.53 0.19 -1.15
CA LYS A 56 2.79 -0.53 -1.22
C LYS A 56 3.75 0.11 -2.22
N GLU A 57 3.27 0.36 -3.44
CA GLU A 57 4.13 1.00 -4.44
C GLU A 57 4.75 2.29 -3.92
N TYR A 58 3.99 3.05 -3.12
CA TYR A 58 4.52 4.28 -2.53
C TYR A 58 5.63 3.98 -1.53
N ILE A 59 5.39 3.06 -0.60
CA ILE A 59 6.43 2.73 0.39
C ILE A 59 7.65 2.14 -0.29
N ASP A 60 7.43 1.36 -1.35
CA ASP A 60 8.56 0.79 -2.08
C ASP A 60 9.39 1.88 -2.73
N ALA A 61 8.73 2.91 -3.26
CA ALA A 61 9.45 3.97 -3.95
C ALA A 61 10.22 4.82 -2.94
N LEU A 62 9.54 5.21 -1.85
CA LEU A 62 10.19 6.02 -0.81
C LEU A 62 11.42 5.31 -0.29
N SER A 63 11.30 4.02 0.04
CA SER A 63 12.46 3.28 0.51
C SER A 63 13.58 3.35 -0.51
N PHE A 64 13.23 3.19 -1.78
CA PHE A 64 14.21 3.22 -2.84
C PHE A 64 14.91 4.58 -2.90
N VAL A 65 14.13 5.65 -2.89
CA VAL A 65 14.72 6.98 -2.91
C VAL A 65 15.65 7.16 -1.71
N LYS A 66 15.18 6.78 -0.52
CA LYS A 66 15.96 7.02 0.69
C LYS A 66 17.16 6.11 0.83
N ARG A 67 17.29 5.10 -0.02
CA ARG A 67 18.56 4.38 -0.07
C ARG A 67 19.62 5.14 -0.86
N HIS A 68 19.26 6.23 -1.52
CA HIS A 68 20.17 6.92 -2.44
C HIS A 68 20.32 8.40 -2.12
N ILE A 69 19.26 9.01 -1.59
CA ILE A 69 19.24 10.42 -1.22
C ILE A 69 18.71 10.51 0.21
N ASP A 70 19.51 11.08 1.10
CA ASP A 70 19.13 11.23 2.51
C ASP A 70 18.24 12.46 2.72
N PHE A 71 16.99 12.33 2.28
CA PHE A 71 16.01 13.39 2.43
C PHE A 71 15.53 13.45 3.87
N LYS A 72 15.56 14.65 4.45
CA LYS A 72 15.17 14.80 5.84
C LYS A 72 13.65 14.92 6.02
N TYR A 73 12.93 15.52 5.06
CA TYR A 73 11.53 15.82 5.27
C TYR A 73 10.76 15.46 4.02
N LEU A 74 9.45 15.20 4.19
CA LEU A 74 8.55 14.82 3.10
C LEU A 74 7.25 15.62 3.16
N ARG A 75 6.90 16.28 2.04
CA ARG A 75 5.83 17.29 2.00
C ARG A 75 4.75 16.81 1.04
N ALA A 76 3.50 16.73 1.53
CA ALA A 76 2.41 16.16 0.76
C ALA A 76 1.10 16.77 1.20
N HIS A 77 0.15 16.86 0.27
CA HIS A 77 -1.16 17.44 0.57
C HIS A 77 -2.02 16.45 1.37
N GLY A 78 -3.10 16.98 1.94
CA GLY A 78 -4.23 16.15 2.28
C GLY A 78 -4.10 15.32 3.55
N LEU A 79 -3.36 15.81 4.54
CA LEU A 79 -3.38 15.15 5.85
C LEU A 79 -4.79 15.01 6.38
N LEU A 80 -5.58 16.07 6.26
CA LEU A 80 -6.94 16.09 6.76
C LEU A 80 -7.97 15.68 5.71
N HIS A 81 -7.55 15.14 4.57
CA HIS A 81 -8.51 14.66 3.59
C HIS A 81 -9.27 13.45 4.12
N ASP A 82 -10.42 13.18 3.52
CA ASP A 82 -11.27 12.18 4.14
C ASP A 82 -10.88 10.74 3.82
N ASP A 83 -9.95 10.49 2.90
CA ASP A 83 -9.46 9.12 2.80
C ASP A 83 -8.56 8.78 4.00
N VAL A 84 -7.76 9.73 4.48
CA VAL A 84 -7.05 9.47 5.73
C VAL A 84 -8.02 9.35 6.90
N GLY A 85 -9.20 9.96 6.81
CA GLY A 85 -10.30 9.63 7.69
C GLY A 85 -10.29 10.21 9.08
N ILE A 86 -9.51 11.28 9.31
CA ILE A 86 -9.30 11.75 10.69
C ILE A 86 -10.57 12.37 11.27
N TYR A 87 -11.23 13.27 10.53
CA TYR A 87 -12.42 13.93 11.07
C TYR A 87 -13.70 13.18 10.70
N ARG A 88 -14.47 12.83 11.74
CA ARG A 88 -15.73 12.12 11.58
C ARG A 88 -16.68 12.61 12.67
N GLU A 89 -17.97 12.31 12.48
CA GLU A 89 -19.00 12.72 13.42
C GLU A 89 -19.85 11.55 13.86
N ASP A 90 -20.14 11.51 15.16
CA ASP A 90 -21.07 10.58 15.76
C ASP A 90 -22.31 11.33 16.26
N ILE A 91 -23.46 10.66 16.23
CA ILE A 91 -24.72 11.25 16.68
C ILE A 91 -25.22 10.45 17.90
N VAL A 92 -24.86 10.92 19.10
CA VAL A 92 -25.53 10.49 20.35
C VAL A 92 -26.42 11.64 20.81
N ASP A 93 -27.71 11.33 21.01
CA ASP A 93 -28.84 12.27 21.12
C ASP A 93 -29.23 12.73 19.72
N GLY A 94 -29.51 14.02 19.58
CA GLY A 94 -29.52 14.68 18.29
C GLY A 94 -28.23 15.49 18.21
N LYS A 95 -27.59 15.61 19.36
CA LYS A 95 -26.25 16.15 19.46
C LYS A 95 -25.31 15.37 18.54
N THR A 96 -24.53 16.08 17.73
CA THR A 96 -23.43 15.48 17.00
C THR A 96 -22.13 15.86 17.72
N ILE A 97 -21.32 14.86 18.05
CA ILE A 97 -20.04 15.07 18.73
C ILE A 97 -18.94 14.67 17.75
N PRO A 98 -17.70 15.10 17.97
CA PRO A 98 -16.66 14.82 16.97
C PRO A 98 -15.92 13.54 17.27
N PHE A 99 -15.44 12.89 16.19
CA PHE A 99 -14.55 11.75 16.31
C PHE A 99 -13.29 11.95 15.49
N TYR A 100 -12.13 11.75 16.12
CA TYR A 100 -10.83 11.86 15.47
C TYR A 100 -10.25 10.46 15.29
N ASN A 101 -10.19 9.99 14.03
CA ASN A 101 -9.76 8.62 13.70
C ASN A 101 -8.32 8.65 13.22
N PHE A 102 -7.41 8.14 14.04
CA PHE A 102 -5.98 8.19 13.73
C PHE A 102 -5.43 6.89 13.16
N THR A 103 -6.31 5.91 12.85
CA THR A 103 -5.86 4.63 12.32
C THR A 103 -4.92 4.80 11.14
N TYR A 104 -5.35 5.50 10.11
CA TYR A 104 -4.51 5.62 8.92
C TYR A 104 -3.30 6.53 9.16
N ILE A 105 -3.51 7.70 9.78
CA ILE A 105 -2.39 8.63 9.91
C ILE A 105 -1.29 8.06 10.79
N ASP A 106 -1.67 7.25 11.80
CA ASP A 106 -0.66 6.56 12.61
C ASP A 106 0.16 5.62 11.76
N ARG A 107 -0.50 4.83 10.90
CA ARG A 107 0.26 3.89 10.09
C ARG A 107 1.18 4.62 9.14
N ILE A 108 0.71 5.74 8.58
CA ILE A 108 1.48 6.53 7.62
C ILE A 108 2.73 7.14 8.28
N TYR A 109 2.55 7.91 9.35
CA TYR A 109 3.72 8.57 9.93
C TYR A 109 4.66 7.57 10.60
N ASP A 110 4.12 6.46 11.13
CA ASP A 110 4.97 5.37 11.57
C ASP A 110 5.89 4.91 10.44
N SER A 111 5.35 4.74 9.24
CA SER A 111 6.19 4.24 8.15
C SER A 111 7.18 5.31 7.68
N PHE A 112 6.77 6.58 7.62
CA PHE A 112 7.75 7.64 7.37
C PHE A 112 8.92 7.52 8.34
N LEU A 113 8.62 7.40 9.65
CA LEU A 113 9.68 7.42 10.65
C LEU A 113 10.57 6.19 10.55
N GLU A 114 9.98 5.05 10.19
CA GLU A 114 10.78 3.83 10.10
C GLU A 114 11.78 3.94 8.95
N ILE A 115 11.31 4.46 7.81
CA ILE A 115 12.15 4.73 6.65
C ILE A 115 13.24 5.73 6.97
N GLY A 116 12.98 6.65 7.91
CA GLY A 116 13.93 7.64 8.31
C GLY A 116 13.68 9.08 7.81
N ILE A 117 12.44 9.44 7.51
CA ILE A 117 12.09 10.76 7.01
C ILE A 117 11.00 11.31 7.92
N ARG A 118 10.94 12.63 8.05
CA ARG A 118 9.90 13.21 8.89
C ARG A 118 8.91 13.99 8.04
N PRO A 119 7.70 14.21 8.55
CA PRO A 119 6.70 14.94 7.76
C PRO A 119 6.91 16.45 7.84
N PHE A 120 6.89 17.10 6.68
CA PHE A 120 6.70 18.55 6.60
C PHE A 120 5.18 18.71 6.56
N VAL A 121 4.58 18.82 7.73
CA VAL A 121 3.13 18.74 7.83
C VAL A 121 2.48 19.90 7.10
N GLU A 122 1.49 19.58 6.28
CA GLU A 122 0.69 20.59 5.59
C GLU A 122 -0.75 20.46 6.07
N ILE A 123 -1.19 21.43 6.86
CA ILE A 123 -2.58 21.43 7.33
C ILE A 123 -3.50 21.73 6.16
N GLY A 124 -4.38 20.81 5.85
CA GLY A 124 -5.29 20.91 4.72
C GLY A 124 -5.57 19.51 4.19
N PHE A 125 -6.60 19.41 3.35
CA PHE A 125 -7.49 20.54 3.10
C PHE A 125 -8.63 20.52 4.10
N MET A 126 -9.87 20.65 3.63
CA MET A 126 -11.01 20.72 4.54
C MET A 126 -11.78 19.40 4.53
N PRO A 127 -12.02 18.79 5.70
CA PRO A 127 -12.84 17.57 5.71
C PRO A 127 -14.29 17.90 5.44
N SER A 128 -14.96 16.98 4.72
CA SER A 128 -16.32 17.25 4.24
C SER A 128 -17.22 17.80 5.34
N LYS A 129 -17.20 17.17 6.50
CA LYS A 129 -18.15 17.52 7.55
C LYS A 129 -17.82 18.83 8.24
N LEU A 130 -16.63 19.39 8.04
CA LEU A 130 -16.34 20.72 8.55
C LEU A 130 -16.57 21.81 7.50
N ALA A 131 -16.76 21.43 6.25
CA ALA A 131 -16.72 22.36 5.13
C ALA A 131 -17.94 23.27 5.10
N SER A 132 -17.72 24.48 4.60
CA SER A 132 -18.77 25.45 4.44
C SER A 132 -19.38 25.47 3.04
N GLY A 133 -18.67 24.98 2.01
CA GLY A 133 -19.20 24.93 0.67
C GLY A 133 -18.81 23.67 -0.07
N ASP A 134 -19.23 23.61 -1.34
CA ASP A 134 -19.13 22.39 -2.15
C ASP A 134 -17.93 22.34 -3.08
N GLN A 135 -17.04 23.33 -3.03
CA GLN A 135 -15.97 23.45 -4.01
C GLN A 135 -14.78 22.58 -3.65
N THR A 136 -14.26 21.85 -4.64
CA THR A 136 -13.18 20.90 -4.43
C THR A 136 -12.11 21.05 -5.50
N VAL A 137 -10.90 20.58 -5.17
CA VAL A 137 -9.77 20.53 -6.09
C VAL A 137 -9.35 19.09 -6.32
N PHE A 138 -8.76 18.84 -7.50
CA PHE A 138 -8.21 17.55 -7.92
C PHE A 138 -9.23 16.43 -8.15
N TYR A 139 -8.75 15.36 -8.80
CA TYR A 139 -9.53 14.13 -8.99
C TYR A 139 -10.08 13.60 -7.67
N TRP A 140 -9.30 13.68 -6.60
CA TRP A 140 -9.76 13.18 -5.31
C TRP A 140 -10.50 14.23 -4.48
N ARG A 141 -10.87 15.37 -5.07
CA ARG A 141 -11.94 16.23 -4.56
C ARG A 141 -11.72 16.70 -3.13
N GLY A 142 -10.56 17.34 -2.91
CA GLY A 142 -10.28 17.95 -1.62
C GLY A 142 -11.04 19.26 -1.48
N ASN A 143 -11.82 19.38 -0.40
CA ASN A 143 -12.64 20.57 -0.19
C ASN A 143 -11.76 21.77 0.18
N VAL A 144 -12.01 22.89 -0.46
CA VAL A 144 -11.15 24.06 -0.36
C VAL A 144 -11.91 25.29 0.13
N THR A 145 -13.04 25.08 0.81
CA THR A 145 -13.79 26.15 1.46
C THR A 145 -13.40 26.23 2.92
N PRO A 146 -13.61 27.37 3.58
CA PRO A 146 -13.21 27.48 4.99
C PRO A 146 -14.14 26.64 5.86
N PRO A 147 -13.80 26.46 7.14
CA PRO A 147 -14.69 25.68 8.02
C PRO A 147 -15.97 26.45 8.32
N LYS A 148 -17.09 25.72 8.37
CA LYS A 148 -18.35 26.37 8.70
C LYS A 148 -18.31 26.97 10.10
N ASP A 149 -17.54 26.37 10.99
CA ASP A 149 -17.43 26.85 12.37
C ASP A 149 -15.95 26.86 12.73
N TYR A 150 -15.37 28.05 12.87
CA TYR A 150 -13.94 28.09 13.11
C TYR A 150 -13.54 27.51 14.45
N LYS A 151 -14.46 27.41 15.42
CA LYS A 151 -14.06 26.87 16.70
C LYS A 151 -14.06 25.35 16.70
N GLU A 152 -14.92 24.71 15.89
CA GLU A 152 -14.77 23.27 15.72
C GLU A 152 -13.62 22.94 14.79
N TRP A 153 -13.12 23.91 14.02
CA TRP A 153 -11.87 23.70 13.29
C TRP A 153 -10.69 23.77 14.25
N GLU A 154 -10.76 24.64 15.24
CA GLU A 154 -9.69 24.75 16.23
C GLU A 154 -9.54 23.45 17.00
N LYS A 155 -10.66 22.86 17.45
CA LYS A 155 -10.53 21.62 18.21
C LYS A 155 -9.92 20.49 17.38
N LEU A 156 -10.22 20.45 16.07
CA LEU A 156 -9.56 19.45 15.22
C LEU A 156 -8.04 19.59 15.28
N ILE A 157 -7.52 20.80 15.06
CA ILE A 157 -6.08 21.01 15.05
C ILE A 157 -5.48 20.60 16.39
N LYS A 158 -6.05 21.09 17.50
CA LYS A 158 -5.56 20.73 18.82
C LYS A 158 -5.51 19.21 19.00
N ASN A 159 -6.58 18.51 18.63
CA ASN A 159 -6.62 17.07 18.88
C ASN A 159 -5.65 16.32 17.98
N VAL A 160 -5.44 16.79 16.74
CA VAL A 160 -4.49 16.12 15.86
C VAL A 160 -3.07 16.30 16.39
N VAL A 161 -2.73 17.51 16.81
CA VAL A 161 -1.38 17.75 17.31
C VAL A 161 -1.17 17.07 18.66
N LYS A 162 -2.17 17.13 19.54
CA LYS A 162 -2.03 16.44 20.82
C LYS A 162 -1.87 14.94 20.60
N HIS A 163 -2.60 14.37 19.65
CA HIS A 163 -2.40 12.96 19.34
C HIS A 163 -0.98 12.69 18.86
N PHE A 164 -0.48 13.49 17.90
CA PHE A 164 0.90 13.34 17.44
C PHE A 164 1.85 13.34 18.62
N ILE A 165 1.65 14.26 19.57
CA ILE A 165 2.57 14.36 20.70
C ILE A 165 2.43 13.15 21.61
N ASP A 166 1.19 12.69 21.86
CA ASP A 166 0.96 11.50 22.68
C ASP A 166 1.64 10.27 22.11
N ARG A 167 1.54 10.06 20.79
CA ARG A 167 2.14 8.87 20.20
C ARG A 167 3.65 9.00 20.03
N TYR A 168 4.14 10.10 19.45
CA TYR A 168 5.55 10.17 19.04
C TYR A 168 6.46 10.90 20.02
N GLY A 169 5.92 11.68 20.96
CA GLY A 169 6.80 12.36 21.89
C GLY A 169 7.15 13.79 21.54
N GLU A 170 7.23 14.64 22.57
CA GLU A 170 7.57 16.05 22.39
C GLU A 170 8.84 16.23 21.56
N LYS A 171 9.92 15.53 21.95
CA LYS A 171 11.20 15.70 21.28
C LYS A 171 11.08 15.48 19.77
N GLU A 172 10.17 14.64 19.33
CA GLU A 172 10.10 14.25 17.93
C GLU A 172 9.17 15.17 17.15
N VAL A 173 7.96 15.42 17.65
CA VAL A 173 7.01 16.23 16.90
C VAL A 173 7.51 17.67 16.77
N THR A 174 8.18 18.19 17.80
CA THR A 174 8.66 19.57 17.66
C THR A 174 9.73 19.73 16.61
N GLN A 175 10.22 18.64 16.02
CA GLN A 175 11.00 18.74 14.80
C GLN A 175 10.15 18.67 13.53
N TRP A 176 8.83 18.65 13.65
CA TRP A 176 7.99 18.63 12.47
C TRP A 176 7.47 20.03 12.23
N PRO A 177 7.85 20.68 11.13
CA PRO A 177 7.29 22.00 10.84
C PRO A 177 5.88 21.88 10.29
N PHE A 178 5.05 22.89 10.55
CA PHE A 178 3.65 22.87 10.12
C PHE A 178 3.40 24.02 9.17
N GLU A 179 3.05 23.68 7.93
CA GLU A 179 2.73 24.65 6.89
C GLU A 179 1.22 24.72 6.75
N ILE A 180 0.69 25.94 6.73
CA ILE A 180 -0.76 26.15 6.83
C ILE A 180 -1.35 26.32 5.43
N TRP A 181 -2.17 25.36 5.02
CA TRP A 181 -2.87 25.32 3.75
C TRP A 181 -1.92 25.20 2.57
N ASN A 182 -2.42 25.46 1.37
CA ASN A 182 -1.63 25.34 0.14
C ASN A 182 -2.18 26.29 -0.91
N GLU A 183 -1.29 27.14 -1.43
CA GLU A 183 -1.56 28.07 -2.52
C GLU A 183 -2.90 28.81 -2.36
N PRO A 184 -3.11 29.49 -1.24
CA PRO A 184 -4.38 30.21 -1.05
C PRO A 184 -4.55 31.43 -1.93
N ASN A 185 -3.52 31.85 -2.68
CA ASN A 185 -3.70 32.96 -3.62
C ASN A 185 -4.45 32.54 -4.88
N LEU A 186 -4.54 31.24 -5.14
CA LEU A 186 -5.29 30.68 -6.27
C LEU A 186 -6.71 30.31 -5.84
N THR A 187 -7.69 30.67 -6.66
CA THR A 187 -9.07 30.36 -6.31
C THR A 187 -9.31 28.87 -6.36
N VAL A 188 -8.52 28.16 -7.15
CA VAL A 188 -8.71 26.72 -7.27
C VAL A 188 -8.34 25.99 -5.98
N PHE A 189 -7.56 26.63 -5.10
CA PHE A 189 -7.09 26.02 -3.85
C PHE A 189 -7.71 26.64 -2.61
N TRP A 190 -8.58 27.64 -2.76
CA TRP A 190 -9.10 28.39 -1.60
C TRP A 190 -10.19 29.34 -2.07
N LYS A 191 -11.41 29.20 -1.51
CA LYS A 191 -12.57 29.88 -2.06
C LYS A 191 -12.26 31.35 -2.27
N ASP A 192 -12.55 31.83 -3.49
CA ASP A 192 -12.43 33.24 -3.85
C ASP A 192 -11.01 33.78 -3.72
N ALA A 193 -10.02 32.93 -3.40
CA ALA A 193 -8.66 33.40 -3.10
C ALA A 193 -8.70 34.57 -2.11
N ASN A 194 -9.58 34.44 -1.12
CA ASN A 194 -9.77 35.45 -0.09
C ASN A 194 -8.54 35.53 0.79
N GLN A 195 -7.86 36.67 0.77
CA GLN A 195 -6.65 36.80 1.59
C GLN A 195 -6.98 36.98 3.07
N ALA A 196 -8.01 37.76 3.38
CA ALA A 196 -8.37 37.94 4.78
C ALA A 196 -8.83 36.63 5.38
N GLU A 197 -9.73 35.92 4.68
CA GLU A 197 -10.17 34.63 5.19
C GLU A 197 -9.00 33.70 5.45
N TYR A 198 -8.02 33.65 4.55
CA TYR A 198 -6.84 32.82 4.81
C TYR A 198 -6.08 33.29 6.05
N PHE A 199 -5.93 34.60 6.23
CA PHE A 199 -5.20 35.10 7.40
C PHE A 199 -5.90 34.69 8.69
N LYS A 200 -7.24 34.66 8.69
CA LYS A 200 -7.97 34.17 9.84
C LYS A 200 -7.74 32.68 10.06
N LEU A 201 -7.81 31.88 8.98
CA LEU A 201 -7.48 30.47 9.06
C LEU A 201 -6.07 30.26 9.60
N TYR A 202 -5.10 31.03 9.12
CA TYR A 202 -3.74 30.86 9.58
C TYR A 202 -3.60 31.20 11.05
N GLU A 203 -4.27 32.26 11.50
CA GLU A 203 -4.18 32.64 12.90
C GLU A 203 -4.78 31.56 13.78
N VAL A 204 -6.00 31.13 13.45
CA VAL A 204 -6.71 30.15 14.26
C VAL A 204 -5.92 28.86 14.34
N THR A 205 -5.41 28.41 13.20
CA THR A 205 -4.70 27.13 13.14
C THR A 205 -3.42 27.19 13.96
N VAL A 206 -2.54 28.15 13.69
CA VAL A 206 -1.26 28.12 14.40
C VAL A 206 -1.44 28.44 15.88
N LYS A 207 -2.48 29.19 16.25
CA LYS A 207 -2.64 29.46 17.67
C LYS A 207 -3.09 28.19 18.38
N ALA A 208 -3.94 27.39 17.72
CA ALA A 208 -4.26 26.06 18.20
C ALA A 208 -3.00 25.21 18.32
N ILE A 209 -2.18 25.19 17.27
CA ILE A 209 -0.92 24.45 17.30
C ILE A 209 -0.08 24.88 18.50
N LYS A 210 0.12 26.18 18.65
CA LYS A 210 1.03 26.66 19.68
C LYS A 210 0.50 26.38 21.09
N GLU A 211 -0.83 26.40 21.27
CA GLU A 211 -1.38 26.12 22.59
C GLU A 211 -1.07 24.68 23.01
N VAL A 212 -1.06 23.75 22.06
CA VAL A 212 -0.69 22.38 22.37
C VAL A 212 0.80 22.26 22.69
N ASN A 213 1.64 22.92 21.91
CA ASN A 213 3.07 22.98 22.25
C ASN A 213 3.71 24.14 21.49
N GLU A 214 4.19 25.13 22.23
CA GLU A 214 4.68 26.36 21.61
C GLU A 214 6.03 26.20 20.90
N ASN A 215 6.67 25.03 20.96
CA ASN A 215 7.93 24.82 20.24
C ASN A 215 7.73 24.23 18.85
N ILE A 216 6.49 24.07 18.39
CA ILE A 216 6.25 23.62 17.04
C ILE A 216 6.41 24.81 16.09
N LYS A 217 7.29 24.66 15.12
CA LYS A 217 7.44 25.68 14.10
C LYS A 217 6.22 25.69 13.18
N VAL A 218 5.56 26.85 13.06
CA VAL A 218 4.49 27.01 12.09
C VAL A 218 4.99 27.91 10.97
N GLY A 219 4.23 27.96 9.87
CA GLY A 219 4.65 28.80 8.75
C GLY A 219 3.66 28.83 7.60
N GLY A 220 3.94 29.76 6.67
CA GLY A 220 3.12 30.02 5.50
C GLY A 220 3.79 31.05 4.63
N PRO A 221 3.07 31.60 3.63
CA PRO A 221 1.67 31.32 3.33
C PRO A 221 1.46 30.34 2.17
N ALA A 222 2.55 29.68 1.75
CA ALA A 222 2.50 28.59 0.76
C ALA A 222 1.89 29.02 -0.57
N ILE A 223 2.14 30.27 -0.98
CA ILE A 223 1.50 30.80 -2.18
C ILE A 223 2.16 30.24 -3.44
N CYS A 224 1.38 30.20 -4.51
CA CYS A 224 1.93 29.99 -5.83
C CYS A 224 2.67 31.25 -6.28
N GLY A 225 3.47 31.11 -7.33
CA GLY A 225 4.13 32.28 -7.91
C GLY A 225 3.13 33.24 -8.53
N GLY A 226 3.60 34.49 -8.71
CA GLY A 226 2.81 35.52 -9.36
C GLY A 226 1.91 36.35 -8.47
N SER A 227 2.02 36.24 -7.15
CA SER A 227 1.18 37.01 -6.22
C SER A 227 2.00 37.42 -5.01
N ASP A 228 3.27 37.79 -5.23
CA ASP A 228 4.22 37.89 -4.13
C ASP A 228 3.90 39.02 -3.15
N TYR A 229 3.03 39.96 -3.52
CA TYR A 229 2.57 40.92 -2.52
C TYR A 229 1.94 40.23 -1.32
N TRP A 230 1.46 38.99 -1.50
CA TRP A 230 0.96 38.22 -0.38
C TRP A 230 2.02 38.03 0.68
N ILE A 231 3.29 37.91 0.30
CA ILE A 231 4.32 37.74 1.31
C ILE A 231 4.43 39.00 2.17
N THR A 232 4.34 40.17 1.55
CA THR A 232 4.38 41.40 2.33
C THR A 232 3.13 41.51 3.19
N ASP A 233 1.96 41.17 2.63
CA ASP A 233 0.72 41.32 3.38
C ASP A 233 0.68 40.38 4.57
N PHE A 234 1.22 39.17 4.42
CA PHE A 234 1.13 38.13 5.42
C PHE A 234 2.13 38.35 6.53
N LEU A 235 3.34 38.76 6.18
CA LEU A 235 4.32 39.07 7.21
C LEU A 235 3.91 40.30 8.01
N ASN A 236 3.37 41.33 7.34
CA ASN A 236 2.88 42.51 8.07
C ASN A 236 1.73 42.14 8.99
N PHE A 237 0.79 41.31 8.50
CA PHE A 237 -0.35 40.89 9.31
C PHE A 237 0.10 40.24 10.61
N CYS A 238 1.13 39.40 10.55
CA CYS A 238 1.58 38.66 11.72
C CYS A 238 2.29 39.57 12.70
N TYR A 239 3.17 40.42 12.19
CA TYR A 239 3.84 41.38 13.06
C TYR A 239 2.83 42.26 13.77
N LYS A 240 1.91 42.84 13.01
CA LYS A 240 0.91 43.73 13.58
C LYS A 240 0.16 43.03 14.72
N ASN A 241 -0.36 41.83 14.47
CA ASN A 241 -1.30 41.22 15.40
C ASN A 241 -0.67 40.14 16.30
N ASN A 242 0.66 40.01 16.32
CA ASN A 242 1.34 39.05 17.19
C ASN A 242 0.90 37.62 16.91
N VAL A 243 0.87 37.28 15.61
CA VAL A 243 0.52 35.96 15.10
C VAL A 243 1.82 35.23 14.80
N PRO A 244 2.12 34.13 15.48
CA PRO A 244 3.43 33.51 15.28
C PRO A 244 3.62 33.06 13.84
N VAL A 245 4.87 33.12 13.40
CA VAL A 245 5.32 32.61 12.09
C VAL A 245 6.79 32.32 12.28
N ASP A 246 7.19 31.07 12.06
CA ASP A 246 8.56 30.67 12.28
C ASP A 246 9.34 30.49 10.99
N PHE A 247 8.67 30.44 9.84
CA PHE A 247 9.30 30.34 8.52
C PHE A 247 8.30 30.77 7.47
N LEU A 248 8.82 31.15 6.31
CA LEU A 248 8.00 31.41 5.12
C LEU A 248 7.99 30.20 4.18
N THR A 249 6.89 30.04 3.43
CA THR A 249 6.87 29.07 2.34
C THR A 249 6.24 29.67 1.09
N ARG A 250 6.62 29.10 -0.05
CA ARG A 250 6.25 29.57 -1.38
C ARG A 250 6.59 28.44 -2.35
N HIS A 251 5.91 28.44 -3.50
CA HIS A 251 6.21 27.51 -4.57
C HIS A 251 6.86 28.21 -5.76
N ALA A 252 7.64 27.46 -6.51
CA ALA A 252 8.31 28.02 -7.68
C ALA A 252 8.21 27.02 -8.81
N TYR A 253 7.49 27.39 -9.86
CA TYR A 253 7.53 26.66 -11.12
C TYR A 253 7.92 27.61 -12.24
N THR A 254 8.08 27.06 -13.44
CA THR A 254 8.51 27.84 -14.58
C THR A 254 7.67 27.59 -15.84
N GLY A 255 6.58 26.84 -15.72
CA GLY A 255 5.77 26.52 -16.89
C GLY A 255 5.00 27.73 -17.39
N LYS A 256 5.10 27.98 -18.70
CA LYS A 256 4.27 28.95 -19.42
C LYS A 256 2.87 28.39 -19.59
N PRO A 257 1.90 29.19 -20.07
CA PRO A 257 0.51 28.69 -20.09
C PRO A 257 0.35 27.46 -20.96
N PRO A 258 -0.39 26.47 -20.48
CA PRO A 258 -0.34 25.14 -21.09
C PRO A 258 -1.32 24.95 -22.24
N ILE A 259 -0.99 23.95 -23.08
CA ILE A 259 -1.90 23.34 -24.06
C ILE A 259 -2.47 22.07 -23.45
N TYR A 260 -3.79 21.85 -23.58
CA TYR A 260 -4.44 20.66 -23.03
C TYR A 260 -4.87 19.68 -24.12
N THR A 261 -4.95 18.41 -23.73
CA THR A 261 -5.17 17.24 -24.54
C THR A 261 -5.90 16.21 -23.66
N PRO A 262 -6.70 15.32 -24.25
CA PRO A 262 -7.33 14.25 -23.45
C PRO A 262 -6.34 13.46 -22.59
N HIS A 263 -5.06 13.46 -22.95
CA HIS A 263 -4.04 12.65 -22.30
C HIS A 263 -2.83 13.45 -21.81
N PHE A 264 -2.57 14.64 -22.34
CA PHE A 264 -1.35 15.35 -22.01
C PHE A 264 -1.64 16.79 -21.63
N VAL A 265 -0.71 17.36 -20.90
CA VAL A 265 -0.57 18.80 -20.78
C VAL A 265 0.83 19.14 -21.28
N TYR A 266 0.94 20.07 -22.22
CA TYR A 266 2.23 20.49 -22.72
C TYR A 266 2.49 21.95 -22.36
N GLN A 267 3.75 22.26 -22.05
CA GLN A 267 4.11 23.57 -21.54
C GLN A 267 5.52 23.92 -21.99
N ASP A 268 5.74 25.19 -22.32
CA ASP A 268 7.10 25.66 -22.41
C ASP A 268 7.55 26.13 -21.02
N VAL A 269 8.83 26.50 -20.89
CA VAL A 269 9.37 26.91 -19.60
C VAL A 269 10.27 28.14 -19.76
N HIS A 270 10.27 28.99 -18.74
CA HIS A 270 11.25 30.05 -18.71
C HIS A 270 12.63 29.44 -18.56
N PRO A 271 13.69 30.20 -18.86
CA PRO A 271 15.04 29.74 -18.48
C PRO A 271 15.10 29.38 -17.00
N ILE A 272 16.03 28.53 -16.57
CA ILE A 272 16.05 28.20 -15.14
C ILE A 272 16.46 29.41 -14.29
N GLU A 273 17.25 30.33 -14.86
CA GLU A 273 17.55 31.60 -14.20
C GLU A 273 16.29 32.25 -13.64
N TYR A 274 15.16 32.11 -14.35
CA TYR A 274 13.90 32.69 -13.87
C TYR A 274 13.56 32.23 -12.46
N MET A 275 13.77 30.93 -12.16
CA MET A 275 13.39 30.43 -10.85
C MET A 275 14.41 30.82 -9.80
N LEU A 276 15.70 30.75 -10.12
CA LEU A 276 16.71 31.24 -9.20
C LEU A 276 16.50 32.71 -8.88
N ASN A 277 15.99 33.48 -9.85
CA ASN A 277 15.66 34.87 -9.57
C ASN A 277 14.56 34.97 -8.53
N GLU A 278 13.53 34.12 -8.63
CA GLU A 278 12.46 34.17 -7.64
C GLU A 278 12.98 33.84 -6.26
N PHE A 279 13.87 32.85 -6.14
CA PHE A 279 14.48 32.56 -4.85
C PHE A 279 15.13 33.82 -4.25
N LYS A 280 16.04 34.47 -5.01
CA LYS A 280 16.75 35.61 -4.42
C LYS A 280 15.80 36.77 -4.19
N THR A 281 14.75 36.88 -5.00
CA THR A 281 13.72 37.89 -4.78
C THR A 281 12.98 37.66 -3.47
N VAL A 282 12.52 36.42 -3.20
CA VAL A 282 11.70 36.28 -1.99
C VAL A 282 12.55 36.41 -0.75
N ARG A 283 13.83 36.01 -0.82
CA ARG A 283 14.73 36.29 0.30
C ARG A 283 14.81 37.78 0.57
N GLU A 284 14.85 38.60 -0.49
CA GLU A 284 14.92 40.03 -0.31
C GLU A 284 13.69 40.55 0.43
N MET A 285 12.52 40.01 0.11
CA MET A 285 11.31 40.50 0.78
C MET A 285 11.33 40.19 2.28
N VAL A 286 11.83 39.02 2.68
CA VAL A 286 11.85 38.75 4.10
C VAL A 286 13.01 39.47 4.75
N LYS A 287 14.05 39.80 3.98
CA LYS A 287 15.09 40.68 4.50
C LYS A 287 14.56 42.08 4.79
N ASN A 288 13.53 42.51 4.05
CA ASN A 288 12.87 43.80 4.23
C ASN A 288 11.54 43.66 4.99
N SER A 289 11.43 42.67 5.85
CA SER A 289 10.19 42.45 6.57
C SER A 289 10.46 42.57 8.06
N PRO A 290 9.42 42.64 8.89
CA PRO A 290 9.64 42.64 10.35
C PRO A 290 10.36 41.40 10.88
N PHE A 291 10.56 40.36 10.06
CA PHE A 291 11.27 39.14 10.45
C PHE A 291 12.44 38.93 9.49
N PRO A 292 13.49 39.73 9.62
CA PRO A 292 14.57 39.72 8.62
C PRO A 292 15.36 38.43 8.58
N ASN A 293 15.14 37.50 9.51
CA ASN A 293 15.88 36.25 9.54
C ASN A 293 15.01 35.02 9.32
N LEU A 294 13.77 35.21 8.86
CA LEU A 294 12.87 34.10 8.59
C LEU A 294 13.54 33.06 7.70
N PRO A 295 13.60 31.80 8.09
CA PRO A 295 13.93 30.77 7.12
C PRO A 295 12.84 30.71 6.07
N ILE A 296 13.24 30.30 4.87
CA ILE A 296 12.35 30.22 3.72
C ILE A 296 12.41 28.78 3.20
N HIS A 297 11.24 28.19 2.99
CA HIS A 297 11.14 26.83 2.47
C HIS A 297 10.33 26.87 1.19
N ILE A 298 10.94 26.41 0.10
CA ILE A 298 10.24 26.36 -1.19
C ILE A 298 9.61 24.98 -1.26
N THR A 299 8.34 24.90 -0.85
CA THR A 299 7.74 23.62 -0.54
C THR A 299 7.30 22.83 -1.77
N GLU A 300 7.20 23.44 -2.95
CA GLU A 300 7.16 22.67 -4.20
C GLU A 300 8.07 23.35 -5.20
N PHE A 301 8.77 22.55 -6.02
CA PHE A 301 9.34 23.15 -7.23
C PHE A 301 9.51 22.09 -8.31
N ASN A 302 9.50 22.56 -9.55
CA ASN A 302 9.69 21.76 -10.76
C ASN A 302 9.68 22.70 -11.95
N SER A 303 9.82 22.17 -13.16
CA SER A 303 9.63 22.99 -14.35
C SER A 303 8.14 23.11 -14.62
N SER A 304 7.57 22.19 -15.40
CA SER A 304 6.14 22.18 -15.61
C SER A 304 5.44 21.83 -14.29
N TYR A 305 4.26 22.39 -14.08
CA TYR A 305 3.48 22.15 -12.87
C TYR A 305 2.28 21.22 -13.11
N HIS A 306 2.33 20.37 -14.13
CA HIS A 306 1.18 19.52 -14.29
C HIS A 306 1.60 18.06 -14.23
N PRO A 307 0.78 17.19 -13.62
CA PRO A 307 1.17 15.78 -13.44
C PRO A 307 1.21 14.95 -14.71
N LEU A 308 0.73 15.46 -15.84
CA LEU A 308 0.72 14.73 -17.09
C LEU A 308 1.52 15.45 -18.19
N CYS A 309 2.66 16.05 -17.81
CA CYS A 309 3.51 16.79 -18.74
C CYS A 309 4.80 16.03 -18.94
N PRO A 310 5.05 15.43 -20.11
CA PRO A 310 6.25 14.57 -20.28
C PRO A 310 7.60 15.27 -20.04
N ILE A 311 7.66 16.61 -19.92
CA ILE A 311 8.94 17.24 -19.56
C ILE A 311 9.55 16.57 -18.34
N HIS A 312 8.72 16.02 -17.45
CA HIS A 312 9.24 15.47 -16.21
C HIS A 312 10.01 14.19 -16.42
N ASP A 313 9.73 13.46 -17.50
CA ASP A 313 10.38 12.18 -17.77
C ASP A 313 11.67 12.31 -18.57
N THR A 314 12.09 13.53 -18.94
CA THR A 314 13.10 13.67 -19.97
C THR A 314 14.48 13.97 -19.40
N PRO A 315 15.53 13.66 -20.15
CA PRO A 315 16.88 14.15 -19.78
C PRO A 315 16.95 15.65 -19.68
N PHE A 316 16.06 16.37 -20.36
CA PHE A 316 16.13 17.81 -20.33
C PHE A 316 15.85 18.32 -18.93
N ASN A 317 14.78 17.82 -18.32
CA ASN A 317 14.42 18.28 -16.98
C ASN A 317 15.55 18.05 -15.99
N ALA A 318 16.27 16.94 -16.09
CA ALA A 318 17.43 16.73 -15.23
C ALA A 318 18.49 17.80 -15.47
N ALA A 319 18.88 18.02 -16.73
CA ALA A 319 19.84 19.07 -17.02
C ALA A 319 19.29 20.43 -16.62
N TYR A 320 18.01 20.66 -16.88
CA TYR A 320 17.42 21.97 -16.63
C TYR A 320 17.40 22.28 -15.14
N LEU A 321 17.05 21.30 -14.31
CA LEU A 321 16.91 21.52 -12.86
C LEU A 321 18.23 21.46 -12.11
N ALA A 322 19.34 21.07 -12.73
CA ALA A 322 20.57 20.92 -11.97
C ALA A 322 21.00 22.25 -11.35
N ARG A 323 20.83 23.37 -12.06
CA ARG A 323 21.36 24.62 -11.52
C ARG A 323 20.75 24.97 -10.18
N VAL A 324 19.50 24.59 -9.92
CA VAL A 324 18.88 25.02 -8.67
C VAL A 324 19.47 24.26 -7.49
N LEU A 325 19.76 22.97 -7.66
CA LEU A 325 20.45 22.25 -6.60
C LEU A 325 21.79 22.92 -6.29
N SER A 326 22.50 23.30 -7.33
CA SER A 326 23.81 23.92 -7.18
C SER A 326 23.75 25.28 -6.49
N GLU A 327 22.67 26.04 -6.70
CA GLU A 327 22.63 27.44 -6.31
C GLU A 327 21.47 27.81 -5.41
N GLY A 328 20.39 27.03 -5.39
CA GLY A 328 19.20 27.40 -4.63
C GLY A 328 19.46 27.66 -3.17
N GLY A 329 20.38 26.91 -2.56
CA GLY A 329 20.66 27.07 -1.14
C GLY A 329 21.34 28.38 -0.76
N ASP A 330 21.84 29.15 -1.74
CA ASP A 330 22.34 30.48 -1.43
C ASP A 330 21.21 31.38 -0.94
N TYR A 331 19.98 31.05 -1.28
CA TYR A 331 18.85 31.95 -1.07
C TYR A 331 17.78 31.39 -0.13
N VAL A 332 17.44 30.11 -0.24
CA VAL A 332 16.38 29.55 0.56
C VAL A 332 16.94 28.42 1.41
N ASP A 333 16.24 28.17 2.51
CA ASP A 333 16.71 27.16 3.45
C ASP A 333 16.38 25.75 2.97
N SER A 334 15.29 25.60 2.22
CA SER A 334 15.04 24.32 1.59
C SER A 334 14.21 24.57 0.34
N PHE A 335 14.25 23.58 -0.56
CA PHE A 335 13.44 23.60 -1.78
C PHE A 335 13.20 22.16 -2.16
N SER A 336 11.93 21.74 -2.20
CA SER A 336 11.63 20.33 -2.20
C SER A 336 11.00 19.95 -3.54
N TYR A 337 11.70 19.10 -4.28
CA TYR A 337 11.25 18.71 -5.61
C TYR A 337 9.92 17.99 -5.51
N TRP A 338 8.94 18.50 -6.24
CA TRP A 338 7.62 17.90 -6.37
C TRP A 338 7.63 16.99 -7.60
N THR A 339 7.78 15.67 -7.42
CA THR A 339 7.62 14.88 -6.20
C THR A 339 8.61 13.73 -6.21
N PHE A 340 8.74 13.01 -5.08
CA PHE A 340 9.68 11.89 -5.06
C PHE A 340 9.26 10.73 -5.97
N SER A 341 7.98 10.57 -6.30
CA SER A 341 7.59 9.41 -7.07
C SER A 341 6.34 9.68 -7.89
N ASP A 342 6.17 8.91 -8.96
CA ASP A 342 4.96 9.03 -9.76
C ASP A 342 3.70 8.54 -9.05
N VAL A 343 3.79 8.00 -7.84
CA VAL A 343 2.57 7.60 -7.13
C VAL A 343 1.78 8.86 -6.84
N PHE A 344 0.65 9.01 -7.52
CA PHE A 344 0.04 10.32 -7.71
C PHE A 344 -1.35 10.15 -8.31
N GLU A 345 -2.27 11.03 -7.91
CA GLU A 345 -3.66 10.87 -8.34
C GLU A 345 -4.36 12.19 -8.60
N GLU A 346 -3.64 13.31 -8.64
CA GLU A 346 -4.29 14.60 -8.89
C GLU A 346 -4.99 14.60 -10.23
N ALA A 347 -4.44 13.92 -11.22
CA ALA A 347 -5.06 13.84 -12.53
C ALA A 347 -5.45 12.41 -12.82
N ASP A 348 -6.14 11.77 -11.87
CA ASP A 348 -6.64 10.41 -12.02
C ASP A 348 -5.48 9.42 -12.03
N VAL A 349 -5.79 8.13 -12.03
CA VAL A 349 -4.71 7.15 -12.04
C VAL A 349 -3.92 7.30 -13.33
N PRO A 350 -2.60 7.46 -13.26
CA PRO A 350 -1.79 7.50 -14.48
C PRO A 350 -2.14 6.36 -15.43
N ARG A 351 -1.99 6.64 -16.74
CA ARG A 351 -2.47 5.74 -17.79
C ARG A 351 -1.36 5.10 -18.60
N SER A 352 -0.10 5.33 -18.25
CA SER A 352 1.01 4.72 -18.96
C SER A 352 2.24 4.86 -18.08
N LEU A 353 3.18 3.95 -18.27
CA LEU A 353 4.35 3.94 -17.40
C LEU A 353 5.00 5.31 -17.37
N PHE A 354 5.28 5.88 -18.53
CA PHE A 354 5.70 7.26 -18.61
C PHE A 354 4.52 8.09 -19.07
N HIS A 355 4.23 9.11 -18.33
CA HIS A 355 2.99 9.84 -18.54
C HIS A 355 3.16 11.29 -18.13
N GLY A 356 4.38 11.73 -17.88
CA GLY A 356 4.60 13.10 -17.49
C GLY A 356 4.57 13.36 -16.01
N GLY A 357 4.53 12.31 -15.20
CA GLY A 357 4.38 12.49 -13.77
C GLY A 357 5.55 13.22 -13.13
N PHE A 358 5.23 13.87 -12.01
CA PHE A 358 6.18 14.70 -11.27
C PHE A 358 7.38 13.95 -10.72
N GLY A 359 7.31 12.62 -10.56
CA GLY A 359 8.21 11.93 -9.66
C GLY A 359 9.64 11.82 -10.15
N LEU A 360 10.57 11.75 -9.19
CA LEU A 360 11.94 11.36 -9.49
C LEU A 360 12.02 9.96 -10.04
N VAL A 361 11.03 9.13 -9.71
CA VAL A 361 11.06 7.70 -9.89
C VAL A 361 9.73 7.29 -10.49
N ALA A 362 9.74 6.51 -11.52
CA ALA A 362 8.51 6.07 -12.05
C ALA A 362 8.11 4.79 -11.43
N PHE A 363 7.01 4.23 -11.85
CA PHE A 363 6.57 2.97 -11.31
C PHE A 363 7.55 1.90 -11.59
N HIS A 364 7.52 0.96 -10.65
CA HIS A 364 8.37 -0.23 -10.52
C HIS A 364 9.76 0.30 -10.29
N ASN A 365 9.86 1.34 -9.47
CA ASN A 365 11.15 1.93 -9.20
C ASN A 365 12.14 2.20 -10.30
N ILE A 366 11.67 2.71 -11.42
CA ILE A 366 12.50 3.02 -12.54
C ILE A 366 12.88 4.43 -12.42
N PRO A 367 14.13 4.70 -12.17
CA PRO A 367 14.53 6.09 -11.92
C PRO A 367 14.61 6.86 -13.22
N LYS A 368 14.14 8.11 -13.19
CA LYS A 368 14.24 9.02 -14.33
C LYS A 368 15.59 9.74 -14.32
N PRO A 369 15.93 10.48 -15.40
CA PRO A 369 17.21 11.19 -15.37
C PRO A 369 17.31 12.11 -14.19
N VAL A 370 16.23 12.82 -13.87
CA VAL A 370 16.24 13.77 -12.77
C VAL A 370 16.71 13.09 -11.47
N PHE A 371 16.29 11.83 -11.26
CA PHE A 371 16.74 11.08 -10.08
C PHE A 371 18.25 11.01 -10.03
N HIS A 372 18.86 10.46 -11.09
CA HIS A 372 20.30 10.30 -11.12
C HIS A 372 21.00 11.63 -10.88
N MET A 373 20.44 12.70 -11.43
CA MET A 373 21.00 14.03 -11.25
C MET A 373 21.11 14.36 -9.78
N PHE A 374 20.04 14.11 -9.04
CA PHE A 374 20.06 14.34 -7.60
C PHE A 374 21.19 13.59 -6.94
N THR A 375 21.29 12.28 -7.20
CA THR A 375 22.27 11.46 -6.48
C THR A 375 23.68 11.94 -6.73
N PHE A 376 23.94 12.51 -7.91
CA PHE A 376 25.23 13.11 -8.21
C PHE A 376 25.66 14.08 -7.13
N PHE A 377 24.72 14.85 -6.58
CA PHE A 377 25.02 15.84 -5.57
C PHE A 377 25.42 15.24 -4.22
N ASN A 378 25.24 13.93 -4.02
CA ASN A 378 25.81 13.29 -2.86
C ASN A 378 27.33 13.35 -2.88
N ALA A 379 27.92 13.61 -4.03
CA ALA A 379 29.37 13.62 -4.12
C ALA A 379 29.98 14.99 -3.83
N MET A 380 29.17 16.06 -3.74
CA MET A 380 29.69 17.41 -3.49
C MET A 380 30.09 17.59 -2.04
N GLY A 381 31.38 17.86 -1.81
CA GLY A 381 31.87 18.34 -0.55
C GLY A 381 31.40 19.75 -0.25
N GLU A 382 31.81 20.23 0.92
CA GLU A 382 31.31 21.52 1.41
C GLU A 382 32.09 22.72 0.87
N LYS A 383 33.40 22.59 0.66
CA LYS A 383 34.18 23.72 0.15
C LYS A 383 34.06 23.80 -1.38
N ILE A 384 33.50 24.89 -1.89
CA ILE A 384 33.39 25.09 -3.35
C ILE A 384 34.71 25.64 -3.88
N LEU A 385 35.27 24.98 -4.90
CA LEU A 385 36.45 25.49 -5.60
C LEU A 385 36.11 26.46 -6.72
N TYR A 386 34.95 26.32 -7.36
CA TYR A 386 34.60 27.11 -8.53
C TYR A 386 33.15 26.85 -8.91
N ARG A 387 32.40 27.90 -9.23
CA ARG A 387 31.01 27.76 -9.62
C ARG A 387 30.60 28.78 -10.66
N ASP A 388 29.96 28.33 -11.73
CA ASP A 388 29.23 29.24 -12.62
C ASP A 388 27.90 28.58 -12.97
N ASP A 389 27.29 29.06 -14.06
CA ASP A 389 25.93 28.71 -14.41
C ASP A 389 25.77 27.24 -14.77
N HIS A 390 26.85 26.55 -15.12
CA HIS A 390 26.75 25.21 -15.68
C HIS A 390 27.73 24.23 -15.05
N ILE A 391 28.38 24.59 -13.97
CA ILE A 391 29.30 23.66 -13.35
C ILE A 391 29.49 24.09 -11.90
N LEU A 392 29.60 23.10 -11.02
CA LEU A 392 29.95 23.29 -9.62
C LEU A 392 31.10 22.36 -9.31
N ILE A 393 32.18 22.91 -8.74
CA ILE A 393 33.37 22.12 -8.41
C ILE A 393 33.63 22.28 -6.91
N THR A 394 33.70 21.16 -6.20
CA THR A 394 33.85 21.17 -4.76
C THR A 394 34.97 20.24 -4.30
N GLU A 395 35.38 20.44 -3.06
CA GLU A 395 36.43 19.65 -2.43
C GLU A 395 35.79 18.91 -1.26
N ARG A 396 35.94 17.59 -1.24
CA ARG A 396 35.40 16.78 -0.15
C ARG A 396 36.39 16.78 1.01
N GLU A 397 36.04 16.16 2.13
CA GLU A 397 36.89 16.30 3.31
C GLU A 397 38.24 15.60 3.14
N ASP A 398 38.30 14.47 2.43
CA ASP A 398 39.58 13.80 2.18
C ASP A 398 40.41 14.50 1.09
N LYS A 399 40.02 15.72 0.71
CA LYS A 399 40.69 16.60 -0.25
C LYS A 399 40.57 16.09 -1.71
N SER A 400 39.85 15.01 -1.95
CA SER A 400 39.45 14.67 -3.31
C SER A 400 38.52 15.75 -3.86
N VAL A 401 38.46 15.85 -5.19
CA VAL A 401 37.67 16.85 -5.87
C VAL A 401 36.57 16.16 -6.67
N ALA A 402 35.38 16.75 -6.65
CA ALA A 402 34.24 16.25 -7.40
C ALA A 402 33.56 17.43 -8.07
N LEU A 403 32.88 17.17 -9.19
CA LEU A 403 32.22 18.25 -9.88
C LEU A 403 31.04 17.70 -10.65
N ILE A 404 29.99 18.52 -10.74
CA ILE A 404 28.84 18.23 -11.59
C ILE A 404 28.73 19.33 -12.66
N ALA A 405 28.72 18.91 -13.92
CA ALA A 405 28.47 19.82 -15.03
C ALA A 405 27.18 19.42 -15.72
N TRP A 406 26.45 20.42 -16.22
CA TRP A 406 25.20 20.13 -16.94
C TRP A 406 25.10 21.00 -18.19
N ASN A 407 24.14 20.65 -19.03
CA ASN A 407 23.93 21.35 -20.28
C ASN A 407 22.51 21.22 -20.81
N GLU A 408 21.58 22.01 -20.28
CA GLU A 408 20.21 21.96 -20.75
C GLU A 408 20.08 22.72 -22.07
N VAL A 409 19.48 22.05 -23.06
CA VAL A 409 19.33 22.58 -24.40
C VAL A 409 17.85 22.71 -24.66
N MET A 410 17.34 23.92 -24.65
CA MET A 410 15.90 24.10 -24.68
C MET A 410 15.28 23.94 -26.07
N THR A 411 16.02 24.26 -27.14
CA THR A 411 15.48 24.22 -28.50
C THR A 411 16.44 23.54 -29.46
N LYS A 412 15.89 23.12 -30.61
CA LYS A 412 16.70 22.52 -31.67
C LYS A 412 17.73 23.48 -32.26
N GLU A 413 17.47 24.78 -32.18
CA GLU A 413 18.42 25.81 -32.58
C GLU A 413 19.45 26.01 -31.46
N GLU A 414 19.31 27.08 -30.68
CA GLU A 414 20.08 27.25 -29.45
C GLU A 414 21.59 27.14 -29.62
N ASN A 415 22.07 25.89 -29.62
CA ASN A 415 23.45 25.46 -29.45
C ASN A 415 23.41 24.22 -28.55
N GLN A 416 24.00 23.12 -29.03
CA GLN A 416 23.68 21.82 -28.50
C GLN A 416 24.78 21.19 -27.68
N GLU A 417 26.04 21.54 -27.91
CA GLU A 417 27.13 20.94 -27.16
C GLU A 417 27.84 21.99 -26.31
N ARG A 418 28.37 21.54 -25.17
CA ARG A 418 29.13 22.39 -24.27
C ARG A 418 30.43 21.67 -23.97
N LYS A 419 31.55 22.27 -24.37
CA LYS A 419 32.89 21.72 -24.16
C LYS A 419 33.55 22.35 -22.93
N TYR A 420 34.43 21.57 -22.29
CA TYR A 420 35.04 21.93 -21.01
C TYR A 420 36.51 21.54 -21.01
N ARG A 421 37.34 22.39 -20.39
CA ARG A 421 38.77 22.11 -20.19
C ARG A 421 39.12 22.59 -18.79
N ILE A 422 39.32 21.67 -17.85
CA ILE A 422 39.43 22.02 -16.44
C ILE A 422 40.79 21.58 -15.90
N GLU A 423 41.59 22.56 -15.46
CA GLU A 423 42.89 22.30 -14.87
C GLU A 423 42.74 22.25 -13.35
N ILE A 424 42.91 21.06 -12.79
CA ILE A 424 42.81 20.85 -11.34
C ILE A 424 44.19 20.54 -10.79
N PRO A 425 44.67 21.25 -9.78
CA PRO A 425 45.98 20.95 -9.20
C PRO A 425 45.89 19.84 -8.17
N VAL A 426 46.93 19.00 -8.13
CA VAL A 426 47.01 17.87 -7.22
C VAL A 426 48.46 17.72 -6.74
N ASP A 427 48.64 17.40 -5.46
CA ASP A 427 49.98 17.23 -4.94
C ASP A 427 50.40 15.77 -4.82
N TYR A 428 49.66 14.85 -5.46
CA TYR A 428 50.02 13.44 -5.55
C TYR A 428 50.25 13.09 -7.02
N LYS A 429 51.06 12.06 -7.26
CA LYS A 429 51.49 11.79 -8.63
C LYS A 429 50.47 10.95 -9.41
N GLU A 430 49.80 10.00 -8.77
CA GLU A 430 48.94 9.05 -9.47
C GLU A 430 47.48 9.31 -9.13
N VAL A 431 46.65 9.44 -10.16
CA VAL A 431 45.29 9.96 -10.02
C VAL A 431 44.29 8.97 -10.62
N PHE A 432 43.15 8.81 -9.95
CA PHE A 432 42.04 8.00 -10.41
C PHE A 432 40.81 8.88 -10.59
N ILE A 433 40.20 8.80 -11.77
CA ILE A 433 39.06 9.61 -12.16
C ILE A 433 37.87 8.69 -12.42
N LYS A 434 36.71 9.05 -11.87
CA LYS A 434 35.49 8.29 -12.10
C LYS A 434 34.45 9.26 -12.65
N GLN A 435 33.89 8.91 -13.81
CA GLN A 435 32.88 9.75 -14.46
C GLN A 435 31.56 8.99 -14.51
N LYS A 436 30.47 9.74 -14.28
CA LYS A 436 29.11 9.24 -14.40
C LYS A 436 28.38 10.18 -15.33
N LEU A 437 27.73 9.62 -16.35
CA LEU A 437 27.11 10.46 -17.38
C LEU A 437 25.68 10.03 -17.63
N ILE A 438 24.77 11.01 -17.67
CA ILE A 438 23.41 10.81 -18.17
C ILE A 438 23.16 11.88 -19.22
N ASP A 439 22.66 11.46 -20.38
CA ASP A 439 22.22 12.38 -21.43
C ASP A 439 21.07 11.73 -22.21
N GLU A 440 20.93 12.02 -23.49
CA GLU A 440 19.86 11.40 -24.23
C GLU A 440 20.17 9.95 -24.57
N GLU A 441 21.45 9.56 -24.57
CA GLU A 441 21.87 8.22 -24.95
C GLU A 441 21.90 7.26 -23.77
N TYR A 442 22.11 7.81 -22.56
CA TYR A 442 22.48 7.07 -21.37
C TYR A 442 21.63 7.51 -20.18
N GLY A 443 21.04 6.55 -19.48
CA GLY A 443 20.19 6.90 -18.37
C GLY A 443 18.85 7.47 -18.76
N ASN A 444 18.38 7.20 -19.98
CA ASN A 444 17.17 7.79 -20.53
C ASN A 444 16.18 6.67 -20.85
N PRO A 445 15.57 6.06 -19.80
CA PRO A 445 14.58 5.00 -20.06
C PRO A 445 13.46 5.44 -20.95
N TRP A 446 13.16 6.74 -20.99
CA TRP A 446 12.11 7.29 -21.84
C TRP A 446 12.35 6.94 -23.31
N ARG A 447 13.59 7.16 -23.79
CA ARG A 447 13.92 6.82 -25.17
C ARG A 447 13.64 5.35 -25.46
N THR A 448 14.10 4.44 -24.57
CA THR A 448 13.89 3.02 -24.79
C THR A 448 12.42 2.67 -24.79
N TRP A 449 11.67 3.26 -23.87
CA TRP A 449 10.24 3.02 -23.85
C TRP A 449 9.59 3.41 -25.18
N ILE A 450 10.01 4.54 -25.76
CA ILE A 450 9.49 4.95 -27.07
C ILE A 450 9.84 3.90 -28.10
N GLN A 451 11.11 3.51 -28.15
CA GLN A 451 11.55 2.44 -29.03
C GLN A 451 10.70 1.18 -28.87
N MET A 452 10.24 0.89 -27.65
CA MET A 452 9.47 -0.32 -27.40
C MET A 452 8.03 -0.25 -27.91
N GLY A 453 7.58 0.93 -28.33
CA GLY A 453 6.21 1.12 -28.75
C GLY A 453 5.38 2.01 -27.86
N ARG A 454 5.99 2.73 -26.93
CA ARG A 454 5.31 3.43 -25.86
C ARG A 454 4.27 2.56 -25.12
N PRO A 455 4.62 1.32 -24.74
CA PRO A 455 3.63 0.42 -24.12
C PRO A 455 3.08 0.98 -22.82
N ARG A 456 1.75 1.13 -22.77
CA ARG A 456 1.08 1.74 -21.62
C ARG A 456 1.25 0.91 -20.35
N PHE A 457 1.19 -0.41 -20.50
CA PHE A 457 1.18 -1.35 -19.38
C PHE A 457 2.21 -2.44 -19.67
N PRO A 458 3.49 -2.10 -19.60
CA PRO A 458 4.52 -3.02 -20.12
C PRO A 458 4.62 -4.31 -19.34
N SER A 459 5.27 -5.30 -19.94
CA SER A 459 5.44 -6.59 -19.30
C SER A 459 6.64 -6.56 -18.35
N LYS A 460 6.76 -7.62 -17.54
CA LYS A 460 7.88 -7.70 -16.62
C LYS A 460 9.21 -7.67 -17.38
N LYS A 461 9.28 -8.34 -18.53
CA LYS A 461 10.52 -8.35 -19.31
C LYS A 461 10.82 -6.97 -19.85
N GLN A 462 9.78 -6.24 -20.23
CA GLN A 462 9.99 -4.87 -20.72
C GLN A 462 10.44 -3.96 -19.58
N ILE A 463 9.82 -4.09 -18.44
CA ILE A 463 10.15 -3.32 -17.31
C ILE A 463 11.54 -3.55 -16.89
N GLU A 464 11.97 -4.80 -16.96
CA GLU A 464 13.32 -5.16 -16.52
C GLU A 464 14.41 -4.67 -17.47
N THR A 465 14.02 -4.40 -18.71
CA THR A 465 14.93 -3.94 -19.68
C THR A 465 15.05 -2.46 -19.52
N LEU A 466 14.02 -1.82 -19.02
CA LEU A 466 14.03 -0.42 -18.81
C LEU A 466 14.83 -0.08 -17.61
N ARG A 467 14.92 -0.98 -16.67
CA ARG A 467 15.68 -0.76 -15.48
C ARG A 467 17.12 -0.97 -15.72
N GLU A 468 17.39 -1.77 -16.74
CA GLU A 468 18.75 -2.08 -17.15
C GLU A 468 19.38 -0.87 -17.84
N VAL A 469 18.56 -0.05 -18.51
CA VAL A 469 19.13 1.09 -19.15
C VAL A 469 19.01 2.34 -18.33
N ALA A 470 18.24 2.33 -17.27
CA ALA A 470 18.04 3.50 -16.45
C ALA A 470 19.09 3.71 -15.39
N THR A 471 20.32 3.78 -15.79
CA THR A 471 21.46 3.95 -14.91
C THR A 471 22.49 4.84 -15.62
N PRO A 472 23.27 5.60 -14.87
CA PRO A 472 24.30 6.43 -15.50
C PRO A 472 25.38 5.59 -16.16
N LYS A 473 25.99 6.16 -17.21
CA LYS A 473 27.18 5.54 -17.78
C LYS A 473 28.36 5.85 -16.89
N VAL A 474 29.10 4.81 -16.49
CA VAL A 474 30.19 4.92 -15.53
C VAL A 474 31.46 4.45 -16.20
N THR A 475 32.48 5.31 -16.18
CA THR A 475 33.76 5.05 -16.80
C THR A 475 34.84 5.52 -15.83
N THR A 476 36.00 4.85 -15.81
CA THR A 476 37.09 5.13 -14.89
C THR A 476 38.41 5.33 -15.61
N PHE A 477 39.30 6.11 -15.02
CA PHE A 477 40.53 6.54 -15.67
C PHE A 477 41.70 6.51 -14.68
N ARG A 478 42.91 6.34 -15.22
CA ARG A 478 44.14 6.45 -14.44
C ARG A 478 45.12 7.35 -15.19
N LYS A 479 45.58 8.41 -14.52
CA LYS A 479 46.57 9.29 -15.10
C LYS A 479 47.72 9.49 -14.12
N THR A 480 48.94 9.41 -14.65
CA THR A 480 50.12 9.91 -13.95
C THR A 480 50.23 11.42 -14.16
N VAL A 481 50.40 12.16 -13.08
CA VAL A 481 50.24 13.61 -13.17
C VAL A 481 51.54 14.24 -13.60
N GLU A 482 51.44 15.21 -14.51
CA GLU A 482 52.60 15.96 -15.01
C GLU A 482 52.46 17.40 -14.54
N ASN A 483 53.45 17.86 -13.77
CA ASN A 483 53.56 19.26 -13.35
C ASN A 483 52.47 19.63 -12.34
N GLY A 484 52.13 18.69 -11.44
CA GLY A 484 51.30 19.01 -10.29
C GLY A 484 49.87 19.41 -10.60
N HIS A 485 49.33 18.99 -11.74
CA HIS A 485 47.93 19.23 -12.06
C HIS A 485 47.47 18.23 -13.12
N ILE A 486 46.18 17.91 -13.09
CA ILE A 486 45.56 17.13 -14.16
C ILE A 486 44.62 18.05 -14.91
N THR A 487 44.28 17.63 -16.13
CA THR A 487 43.39 18.40 -16.99
C THR A 487 42.26 17.48 -17.44
N LEU A 488 41.03 17.80 -17.02
CA LEU A 488 39.83 17.10 -17.45
C LEU A 488 39.36 17.71 -18.75
N GLU A 489 39.25 16.88 -19.79
CA GLU A 489 38.76 17.35 -21.09
C GLU A 489 37.57 16.48 -21.47
N PHE A 490 36.39 17.11 -21.61
CA PHE A 490 35.18 16.37 -21.92
C PHE A 490 34.21 17.32 -22.61
N THR A 491 33.22 16.72 -23.29
CA THR A 491 32.21 17.49 -24.01
C THR A 491 30.82 16.94 -23.69
N LEU A 492 29.93 17.82 -23.24
CA LEU A 492 28.58 17.44 -22.88
C LEU A 492 27.70 17.50 -24.11
N GLY A 493 27.00 16.41 -24.39
CA GLY A 493 25.99 16.44 -25.41
C GLY A 493 24.76 17.18 -24.91
N LYS A 494 23.69 17.05 -25.69
CA LYS A 494 22.50 17.81 -25.42
C LYS A 494 21.77 17.23 -24.20
N ASN A 495 21.36 18.12 -23.28
CA ASN A 495 20.67 17.73 -22.05
C ASN A 495 21.47 16.73 -21.22
N ALA A 496 22.77 16.91 -21.13
CA ALA A 496 23.60 16.00 -20.37
C ALA A 496 23.83 16.55 -18.97
N VAL A 497 23.99 15.63 -18.02
CA VAL A 497 24.54 15.92 -16.70
C VAL A 497 25.65 14.91 -16.45
N THR A 498 26.76 15.38 -15.92
CA THR A 498 27.83 14.45 -15.58
C THR A 498 28.49 14.86 -14.28
N LEU A 499 29.11 13.87 -13.65
CA LEU A 499 29.84 14.03 -12.39
C LEU A 499 31.20 13.36 -12.55
N PHE A 500 32.26 14.05 -12.13
CA PHE A 500 33.60 13.48 -12.04
C PHE A 500 34.05 13.50 -10.58
N GLU A 501 34.88 12.52 -10.22
CA GLU A 501 35.50 12.44 -8.90
C GLU A 501 36.98 12.16 -9.09
N ILE A 502 37.83 12.96 -8.47
CA ILE A 502 39.28 12.87 -8.63
C ILE A 502 39.88 12.48 -7.29
N SER A 503 40.70 11.43 -7.27
CA SER A 503 41.19 10.86 -6.02
C SER A 503 42.64 10.45 -6.16
N LYS A 504 43.33 10.42 -5.02
CA LYS A 504 44.70 9.92 -4.97
C LYS A 504 44.73 8.40 -5.08
N VAL A 505 45.78 7.87 -5.72
CA VAL A 505 46.03 6.44 -5.82
C VAL A 505 47.28 6.10 -5.04
N ILE A 506 47.16 5.20 -4.06
CA ILE A 506 48.31 4.53 -3.48
C ILE A 506 48.46 3.21 -4.23
N ASP A 507 49.41 3.17 -5.18
CA ASP A 507 49.59 1.98 -5.99
C ASP A 507 50.19 0.88 -5.15
N GLU A 508 49.54 -0.29 -5.14
CA GLU A 508 50.02 -1.44 -4.39
C GLU A 508 50.64 -2.50 -5.30
N SER A 509 50.81 -2.20 -6.60
CA SER A 509 51.30 -3.21 -7.55
C SER A 509 52.70 -3.70 -7.21
N HIS A 510 53.51 -2.86 -6.55
CA HIS A 510 54.86 -3.30 -6.16
C HIS A 510 54.81 -4.45 -5.14
N THR A 511 53.75 -4.52 -4.34
CA THR A 511 53.65 -5.62 -3.37
C THR A 511 53.31 -6.97 -3.98
N TYR A 512 52.90 -7.03 -5.26
CA TYR A 512 52.59 -8.32 -5.90
C TYR A 512 53.87 -8.85 -6.52
N ILE A 513 54.36 -9.96 -6.02
CA ILE A 513 55.69 -10.44 -6.40
C ILE A 513 55.57 -11.25 -7.67
N GLY A 514 56.33 -10.88 -8.69
CA GLY A 514 56.17 -11.55 -9.96
C GLY A 514 55.04 -11.06 -10.82
N LEU A 515 54.37 -9.97 -10.42
CA LEU A 515 53.29 -9.39 -11.22
C LEU A 515 53.73 -9.10 -12.64
N ASP A 516 53.16 -9.82 -13.62
CA ASP A 516 53.41 -9.57 -15.03
C ASP A 516 52.13 -9.87 -15.81
N ASP A 517 51.39 -8.81 -16.17
CA ASP A 517 50.23 -9.01 -17.03
C ASP A 517 50.61 -9.60 -18.37
N SER A 518 51.85 -9.38 -18.81
CA SER A 518 52.24 -9.87 -20.14
C SER A 518 52.32 -11.39 -20.21
N LYS A 519 52.06 -12.10 -19.10
CA LYS A 519 52.04 -13.55 -19.08
C LYS A 519 50.62 -14.12 -19.07
N ILE A 520 49.62 -13.25 -19.22
CA ILE A 520 48.23 -13.66 -19.27
C ILE A 520 47.84 -13.74 -20.75
N PRO A 521 47.52 -14.92 -21.27
CA PRO A 521 46.92 -14.99 -22.60
C PRO A 521 45.83 -13.96 -22.78
N GLY A 522 45.82 -13.29 -23.93
CA GLY A 522 44.89 -12.22 -24.18
C GLY A 522 45.57 -10.96 -24.70
N GLY A 523 46.91 -10.99 -24.75
CA GLY A 523 47.65 -9.82 -25.22
C GLY A 523 47.59 -8.69 -24.23
N TYR A 524 48.20 -8.90 -23.06
CA TYR A 524 48.02 -7.99 -21.93
C TYR A 524 49.34 -7.41 -21.47
N MET B 23 -16.27 -37.50 29.36
CA MET B 23 -17.68 -37.85 29.18
C MET B 23 -17.95 -38.37 27.75
N ASN B 24 -17.48 -37.65 26.74
CA ASN B 24 -17.52 -38.15 25.35
C ASN B 24 -16.39 -39.16 25.21
N HIS B 25 -16.73 -40.45 25.22
CA HIS B 25 -15.73 -41.52 25.14
C HIS B 25 -15.67 -42.04 23.71
N ILE B 26 -14.46 -42.20 23.19
CA ILE B 26 -14.24 -42.49 21.77
C ILE B 26 -13.14 -43.54 21.67
N LYS B 27 -13.46 -44.69 21.05
CA LYS B 27 -12.49 -45.76 20.85
C LYS B 27 -12.29 -45.93 19.36
N ILE B 28 -11.07 -45.66 18.89
CA ILE B 28 -10.71 -45.82 17.49
C ILE B 28 -10.21 -47.23 17.27
N GLU B 29 -10.78 -47.92 16.30
CA GLU B 29 -10.38 -49.28 15.98
C GLU B 29 -9.22 -49.26 14.99
N LYS B 30 -8.30 -50.21 15.16
CA LYS B 30 -7.11 -50.30 14.33
C LYS B 30 -7.51 -50.67 12.91
N GLY B 31 -7.32 -49.74 11.97
CA GLY B 31 -7.51 -50.00 10.57
C GLY B 31 -8.79 -49.46 9.96
N LYS B 32 -9.69 -48.89 10.77
CA LYS B 32 -10.98 -48.45 10.25
C LYS B 32 -10.96 -46.95 9.95
N TYR B 33 -11.44 -46.58 8.76
CA TYR B 33 -11.66 -45.20 8.33
C TYR B 33 -13.13 -45.01 8.02
N VAL B 34 -13.53 -43.75 7.84
CA VAL B 34 -14.95 -43.41 7.72
C VAL B 34 -15.15 -42.24 6.75
N GLY B 35 -14.09 -41.74 6.14
CA GLY B 35 -14.25 -40.60 5.27
C GLY B 35 -12.93 -40.07 4.78
N VAL B 36 -13.03 -39.15 3.82
CA VAL B 36 -11.90 -38.39 3.30
C VAL B 36 -12.09 -36.95 3.75
N PHE B 37 -11.05 -36.37 4.35
CA PHE B 37 -11.05 -34.93 4.59
C PHE B 37 -10.40 -34.23 3.41
N PRO B 38 -11.13 -33.40 2.67
CA PRO B 38 -10.59 -32.77 1.47
C PRO B 38 -10.00 -31.38 1.77
N ASP B 39 -9.21 -30.87 0.80
CA ASP B 39 -8.61 -29.56 0.95
C ASP B 39 -9.55 -28.41 0.58
N ASN B 40 -10.86 -28.64 0.45
CA ASN B 40 -11.78 -27.55 0.10
C ASN B 40 -11.64 -26.37 1.05
N TRP B 41 -11.42 -26.63 2.33
CA TRP B 41 -11.43 -25.57 3.34
C TRP B 41 -10.42 -24.45 3.05
N LYS B 42 -9.40 -24.72 2.24
CA LYS B 42 -8.40 -23.71 1.93
C LYS B 42 -8.37 -23.38 0.43
N PHE B 43 -9.52 -23.55 -0.23
CA PHE B 43 -9.57 -23.24 -1.66
C PHE B 43 -9.53 -21.73 -1.88
N CYS B 44 -10.29 -20.98 -1.09
CA CYS B 44 -10.51 -19.55 -1.37
C CYS B 44 -10.78 -18.79 -0.08
N VAL B 45 -10.35 -17.53 -0.02
CA VAL B 45 -10.57 -16.67 1.15
C VAL B 45 -11.00 -15.29 0.65
N GLY B 46 -11.75 -14.55 1.51
CA GLY B 46 -12.30 -13.26 1.13
C GLY B 46 -11.40 -12.07 1.44
N SER B 47 -11.84 -10.89 0.99
CA SER B 47 -11.00 -9.70 1.02
C SER B 47 -11.83 -8.43 0.96
N GLY B 48 -11.26 -7.35 1.51
CA GLY B 48 -11.77 -6.02 1.24
C GLY B 48 -11.73 -5.72 -0.25
N ARG B 49 -12.20 -4.54 -0.67
CA ARG B 49 -12.30 -4.28 -2.09
C ARG B 49 -10.94 -4.36 -2.76
N ILE B 50 -10.90 -4.95 -3.95
CA ILE B 50 -9.72 -5.00 -4.81
C ILE B 50 -8.85 -3.75 -4.73
N GLY B 51 -9.47 -2.56 -4.78
CA GLY B 51 -8.69 -1.32 -4.65
C GLY B 51 -7.83 -1.29 -3.39
N LEU B 52 -8.34 -1.84 -2.29
CA LEU B 52 -7.57 -1.88 -1.05
C LEU B 52 -6.36 -2.79 -1.13
N ALA B 53 -6.27 -3.68 -2.13
CA ALA B 53 -5.07 -4.47 -2.29
C ALA B 53 -3.84 -3.62 -2.58
N LEU B 54 -4.03 -2.36 -2.99
CA LEU B 54 -2.89 -1.48 -3.18
C LEU B 54 -2.16 -1.15 -1.89
N GLN B 55 -2.79 -1.34 -0.73
CA GLN B 55 -2.21 -0.93 0.54
C GLN B 55 -1.10 -1.86 0.99
N LYS B 56 -0.02 -1.28 1.51
CA LYS B 56 1.07 -2.09 2.06
C LYS B 56 0.57 -3.01 3.18
N GLU B 57 -0.36 -2.51 3.99
CA GLU B 57 -0.86 -3.31 5.09
C GLU B 57 -1.60 -4.55 4.58
N TYR B 58 -2.30 -4.40 3.45
CA TYR B 58 -2.94 -5.52 2.80
C TYR B 58 -1.92 -6.58 2.39
N ILE B 59 -0.94 -6.18 1.58
CA ILE B 59 0.10 -7.09 1.11
C ILE B 59 0.88 -7.68 2.28
N ASP B 60 1.21 -6.87 3.28
CA ASP B 60 1.88 -7.43 4.45
C ASP B 60 1.01 -8.48 5.11
N ALA B 61 -0.30 -8.21 5.19
CA ALA B 61 -1.25 -9.16 5.76
C ALA B 61 -1.38 -10.40 4.89
N LEU B 62 -1.66 -10.21 3.61
CA LEU B 62 -1.81 -11.36 2.71
C LEU B 62 -0.55 -12.21 2.70
N SER B 63 0.61 -11.58 2.73
CA SER B 63 1.85 -12.36 2.75
C SER B 63 1.90 -13.21 4.01
N PHE B 64 1.55 -12.61 5.15
CA PHE B 64 1.61 -13.32 6.42
C PHE B 64 0.61 -14.49 6.46
N VAL B 65 -0.58 -14.29 5.90
CA VAL B 65 -1.56 -15.38 5.85
C VAL B 65 -1.02 -16.51 4.98
N LYS B 66 -0.56 -16.16 3.80
CA LYS B 66 -0.08 -17.13 2.83
C LYS B 66 1.13 -17.91 3.35
N ARG B 67 1.84 -17.41 4.35
CA ARG B 67 2.91 -18.21 4.90
C ARG B 67 2.39 -19.31 5.80
N HIS B 68 1.12 -19.28 6.16
CA HIS B 68 0.57 -20.19 7.14
C HIS B 68 -0.58 -21.04 6.62
N ILE B 69 -1.30 -20.58 5.59
CA ILE B 69 -2.44 -21.29 5.04
C ILE B 69 -2.37 -21.15 3.53
N ASP B 70 -2.15 -22.26 2.82
CA ASP B 70 -1.94 -22.23 1.37
C ASP B 70 -3.30 -22.06 0.66
N PHE B 71 -3.90 -20.88 0.86
CA PHE B 71 -5.10 -20.53 0.12
C PHE B 71 -4.80 -20.44 -1.38
N LYS B 72 -5.73 -20.93 -2.21
CA LYS B 72 -5.52 -20.99 -3.65
C LYS B 72 -6.06 -19.77 -4.38
N TYR B 73 -7.16 -19.19 -3.91
CA TYR B 73 -7.83 -18.10 -4.58
C TYR B 73 -8.22 -17.02 -3.57
N LEU B 74 -8.41 -15.80 -4.08
CA LEU B 74 -8.82 -14.66 -3.26
C LEU B 74 -10.02 -13.98 -3.89
N ARG B 75 -11.09 -13.75 -3.10
CA ARG B 75 -12.36 -13.26 -3.63
C ARG B 75 -12.70 -11.93 -2.98
N ALA B 76 -12.82 -10.87 -3.79
CA ALA B 76 -13.01 -9.52 -3.30
C ALA B 76 -13.92 -8.72 -4.22
N HIS B 77 -14.66 -7.79 -3.63
CA HIS B 77 -15.52 -6.93 -4.45
C HIS B 77 -14.69 -5.93 -5.25
N GLY B 78 -15.32 -5.37 -6.27
CA GLY B 78 -14.95 -4.04 -6.71
C GLY B 78 -13.84 -3.95 -7.73
N LEU B 79 -13.62 -5.00 -8.51
CA LEU B 79 -12.65 -4.92 -9.60
C LEU B 79 -12.94 -3.74 -10.51
N LEU B 80 -14.21 -3.43 -10.74
CA LEU B 80 -14.58 -2.36 -11.66
C LEU B 80 -14.91 -1.07 -10.96
N HIS B 81 -14.69 -0.99 -9.64
CA HIS B 81 -14.93 0.29 -8.98
C HIS B 81 -13.93 1.32 -9.51
N ASP B 82 -14.28 2.59 -9.32
CA ASP B 82 -13.51 3.64 -9.99
C ASP B 82 -12.23 4.00 -9.27
N ASP B 83 -12.00 3.52 -8.04
CA ASP B 83 -10.69 3.68 -7.42
C ASP B 83 -9.65 2.85 -8.16
N VAL B 84 -10.00 1.64 -8.59
CA VAL B 84 -9.12 0.86 -9.44
C VAL B 84 -8.97 1.52 -10.81
N GLY B 85 -9.98 2.29 -11.23
CA GLY B 85 -9.82 3.23 -12.32
C GLY B 85 -9.80 2.66 -13.73
N ILE B 86 -10.43 1.50 -13.95
CA ILE B 86 -10.34 0.83 -15.24
C ILE B 86 -11.08 1.62 -16.31
N TYR B 87 -12.38 1.87 -16.12
CA TYR B 87 -13.18 2.44 -17.20
C TYR B 87 -13.23 3.96 -17.07
N ARG B 88 -12.76 4.65 -18.12
CA ARG B 88 -12.79 6.10 -18.23
C ARG B 88 -13.20 6.47 -19.65
N GLU B 89 -13.48 7.75 -19.86
CA GLU B 89 -13.97 8.25 -21.13
C GLU B 89 -13.22 9.51 -21.53
N ASP B 90 -12.71 9.51 -22.77
CA ASP B 90 -12.09 10.65 -23.41
C ASP B 90 -13.03 11.26 -24.44
N ILE B 91 -12.91 12.59 -24.59
CA ILE B 91 -13.69 13.38 -25.53
C ILE B 91 -12.78 13.79 -26.69
N VAL B 92 -13.09 13.34 -27.90
CA VAL B 92 -12.36 13.75 -29.10
C VAL B 92 -13.38 14.25 -30.09
N ASP B 93 -13.33 15.55 -30.42
CA ASP B 93 -14.38 16.27 -31.14
C ASP B 93 -15.62 16.38 -30.25
N GLY B 94 -16.75 15.89 -30.74
CA GLY B 94 -17.92 15.73 -29.90
C GLY B 94 -18.05 14.28 -29.47
N LYS B 95 -17.21 13.43 -30.02
CA LYS B 95 -17.27 12.01 -29.71
C LYS B 95 -16.96 11.76 -28.23
N THR B 96 -17.47 10.66 -27.71
CA THR B 96 -17.08 10.14 -26.40
C THR B 96 -16.60 8.71 -26.61
N ILE B 97 -15.29 8.50 -26.46
CA ILE B 97 -14.70 7.20 -26.76
C ILE B 97 -14.13 6.62 -25.47
N PRO B 98 -14.34 5.34 -25.17
CA PRO B 98 -13.84 4.79 -23.92
C PRO B 98 -12.33 4.62 -23.92
N PHE B 99 -11.79 4.60 -22.71
CA PHE B 99 -10.40 4.26 -22.43
C PHE B 99 -10.38 3.27 -21.27
N TYR B 100 -9.64 2.19 -21.43
CA TYR B 100 -9.52 1.15 -20.39
C TYR B 100 -8.13 1.25 -19.77
N ASN B 101 -8.07 1.59 -18.46
CA ASN B 101 -6.82 1.85 -17.75
C ASN B 101 -6.46 0.69 -16.83
N PHE B 102 -5.35 0.01 -17.10
CA PHE B 102 -4.98 -1.16 -16.34
C PHE B 102 -3.83 -0.93 -15.34
N THR B 103 -3.40 0.33 -15.12
CA THR B 103 -2.22 0.57 -14.29
C THR B 103 -2.35 -0.10 -12.92
N TYR B 104 -3.47 0.10 -12.23
CA TYR B 104 -3.64 -0.41 -10.87
C TYR B 104 -3.90 -1.91 -10.85
N ILE B 105 -4.86 -2.41 -11.64
CA ILE B 105 -5.20 -3.84 -11.59
C ILE B 105 -4.02 -4.71 -11.96
N ASP B 106 -3.17 -4.23 -12.87
CA ASP B 106 -1.92 -4.94 -13.16
C ASP B 106 -1.06 -5.08 -11.91
N ARG B 107 -0.78 -3.96 -11.24
CA ARG B 107 0.02 -4.00 -10.02
C ARG B 107 -0.57 -4.97 -9.00
N ILE B 108 -1.90 -5.02 -8.94
CA ILE B 108 -2.60 -5.86 -7.96
C ILE B 108 -2.48 -7.34 -8.34
N TYR B 109 -2.91 -7.70 -9.55
CA TYR B 109 -2.91 -9.13 -9.87
C TYR B 109 -1.49 -9.67 -9.90
N ASP B 110 -0.55 -8.89 -10.46
CA ASP B 110 0.87 -9.24 -10.33
C ASP B 110 1.22 -9.64 -8.90
N SER B 111 0.80 -8.82 -7.92
CA SER B 111 1.24 -9.06 -6.55
C SER B 111 0.55 -10.27 -5.96
N PHE B 112 -0.71 -10.51 -6.35
CA PHE B 112 -1.37 -11.77 -6.03
C PHE B 112 -0.54 -12.95 -6.52
N LEU B 113 -0.10 -12.90 -7.78
CA LEU B 113 0.53 -14.08 -8.36
C LEU B 113 1.94 -14.28 -7.83
N GLU B 114 2.63 -13.20 -7.47
CA GLU B 114 3.94 -13.36 -6.86
C GLU B 114 3.79 -13.97 -5.48
N ILE B 115 2.72 -13.63 -4.78
CA ILE B 115 2.50 -14.19 -3.46
C ILE B 115 2.12 -15.67 -3.56
N GLY B 116 1.44 -16.05 -4.65
CA GLY B 116 1.09 -17.44 -4.91
C GLY B 116 -0.40 -17.71 -4.83
N ILE B 117 -1.21 -16.72 -5.15
CA ILE B 117 -2.65 -16.81 -5.03
C ILE B 117 -3.32 -16.21 -6.26
N ARG B 118 -4.39 -16.80 -6.70
CA ARG B 118 -5.07 -16.37 -7.91
C ARG B 118 -6.38 -15.65 -7.57
N PRO B 119 -6.87 -14.76 -8.44
CA PRO B 119 -8.13 -14.08 -8.14
C PRO B 119 -9.34 -14.97 -8.44
N PHE B 120 -10.26 -15.01 -7.49
CA PHE B 120 -11.64 -15.38 -7.76
C PHE B 120 -12.28 -14.08 -8.19
N VAL B 121 -12.28 -13.82 -9.50
CA VAL B 121 -12.76 -12.55 -9.99
C VAL B 121 -14.25 -12.42 -9.68
N GLU B 122 -14.63 -11.30 -9.09
CA GLU B 122 -16.02 -10.92 -8.92
C GLU B 122 -16.25 -9.71 -9.82
N ILE B 123 -17.01 -9.90 -10.90
CA ILE B 123 -17.30 -8.79 -11.80
C ILE B 123 -18.21 -7.79 -11.08
N GLY B 124 -17.68 -6.62 -10.73
CA GLY B 124 -18.49 -5.55 -10.18
C GLY B 124 -17.64 -4.43 -9.62
N PHE B 125 -18.30 -3.37 -9.16
CA PHE B 125 -19.71 -3.11 -9.42
C PHE B 125 -19.83 -2.23 -10.69
N MET B 126 -20.73 -1.25 -10.74
CA MET B 126 -20.89 -0.49 -11.97
C MET B 126 -20.00 0.75 -11.96
N PRO B 127 -19.09 0.90 -12.92
CA PRO B 127 -18.31 2.15 -13.02
C PRO B 127 -19.21 3.34 -13.24
N SER B 128 -18.86 4.48 -12.64
CA SER B 128 -19.82 5.58 -12.58
C SER B 128 -20.16 6.09 -13.98
N LYS B 129 -19.19 6.12 -14.89
CA LYS B 129 -19.46 6.68 -16.20
C LYS B 129 -20.24 5.73 -17.11
N LEU B 130 -20.53 4.50 -16.67
CA LEU B 130 -21.42 3.59 -17.37
C LEU B 130 -22.76 3.42 -16.68
N ALA B 131 -22.92 3.96 -15.48
CA ALA B 131 -24.09 3.72 -14.66
C ALA B 131 -25.32 4.38 -15.27
N SER B 132 -26.49 3.82 -14.93
CA SER B 132 -27.78 4.40 -15.29
C SER B 132 -28.40 5.22 -14.14
N GLY B 133 -28.16 4.84 -12.88
CA GLY B 133 -28.62 5.62 -11.75
C GLY B 133 -27.49 5.93 -10.78
N ASP B 134 -27.85 6.59 -9.68
CA ASP B 134 -26.87 7.06 -8.71
C ASP B 134 -26.90 6.29 -7.40
N GLN B 135 -27.62 5.18 -7.34
CA GLN B 135 -27.62 4.39 -6.11
C GLN B 135 -26.27 3.72 -5.92
N THR B 136 -25.75 3.80 -4.70
CA THR B 136 -24.46 3.21 -4.37
C THR B 136 -24.61 2.40 -3.09
N VAL B 137 -23.60 1.57 -2.84
CA VAL B 137 -23.52 0.75 -1.64
C VAL B 137 -22.20 1.03 -0.94
N PHE B 138 -22.21 0.97 0.39
CA PHE B 138 -21.00 1.12 1.22
C PHE B 138 -20.47 2.54 1.31
N TYR B 139 -19.45 2.68 2.18
CA TYR B 139 -18.78 3.95 2.40
C TYR B 139 -17.92 4.38 1.22
N TRP B 140 -17.46 3.42 0.39
CA TRP B 140 -16.71 3.75 -0.82
C TRP B 140 -17.61 3.87 -2.06
N ARG B 141 -18.93 3.86 -1.86
CA ARG B 141 -19.92 4.30 -2.84
C ARG B 141 -19.77 3.57 -4.17
N GLY B 142 -19.65 2.24 -4.08
CA GLY B 142 -19.77 1.41 -5.27
C GLY B 142 -21.18 1.47 -5.82
N ASN B 143 -21.29 1.54 -7.16
CA ASN B 143 -22.54 1.81 -7.84
C ASN B 143 -23.25 0.50 -8.25
N VAL B 144 -24.54 0.44 -7.99
CA VAL B 144 -25.24 -0.84 -8.09
C VAL B 144 -26.37 -0.82 -9.11
N THR B 145 -26.32 0.10 -10.06
CA THR B 145 -27.34 0.18 -11.09
C THR B 145 -26.88 -0.51 -12.37
N PRO B 146 -27.80 -0.96 -13.22
CA PRO B 146 -27.41 -1.62 -14.48
C PRO B 146 -26.79 -0.62 -15.44
N PRO B 147 -26.04 -1.08 -16.44
CA PRO B 147 -25.42 -0.15 -17.40
C PRO B 147 -26.47 0.54 -18.24
N LYS B 148 -26.26 1.85 -18.49
CA LYS B 148 -27.17 2.57 -19.37
C LYS B 148 -27.16 1.97 -20.78
N ASP B 149 -26.00 1.54 -21.28
CA ASP B 149 -25.88 0.89 -22.59
C ASP B 149 -25.25 -0.49 -22.38
N TYR B 150 -26.02 -1.55 -22.61
CA TYR B 150 -25.51 -2.89 -22.32
C TYR B 150 -24.42 -3.31 -23.28
N LYS B 151 -24.35 -2.71 -24.46
CA LYS B 151 -23.32 -3.12 -25.41
C LYS B 151 -22.01 -2.41 -25.15
N GLU B 152 -22.02 -1.29 -24.44
CA GLU B 152 -20.77 -0.73 -23.95
C GLU B 152 -20.30 -1.42 -22.69
N TRP B 153 -21.21 -2.01 -21.91
CA TRP B 153 -20.79 -2.92 -20.84
C TRP B 153 -20.22 -4.21 -21.40
N GLU B 154 -20.70 -4.65 -22.57
CA GLU B 154 -20.09 -5.81 -23.21
C GLU B 154 -18.66 -5.51 -23.64
N LYS B 155 -18.40 -4.30 -24.16
CA LYS B 155 -17.04 -3.99 -24.61
C LYS B 155 -16.09 -3.82 -23.41
N LEU B 156 -16.56 -3.26 -22.28
CA LEU B 156 -15.69 -3.21 -21.11
C LEU B 156 -15.25 -4.60 -20.69
N ILE B 157 -16.20 -5.54 -20.57
CA ILE B 157 -15.87 -6.88 -20.09
C ILE B 157 -14.89 -7.58 -21.01
N LYS B 158 -15.06 -7.42 -22.33
CA LYS B 158 -14.21 -8.13 -23.29
C LYS B 158 -12.80 -7.57 -23.32
N ASN B 159 -12.67 -6.25 -23.30
CA ASN B 159 -11.34 -5.67 -23.22
C ASN B 159 -10.66 -6.04 -21.91
N VAL B 160 -11.41 -6.02 -20.80
CA VAL B 160 -10.81 -6.35 -19.52
C VAL B 160 -10.31 -7.78 -19.51
N VAL B 161 -11.04 -8.71 -20.14
CA VAL B 161 -10.59 -10.10 -20.15
C VAL B 161 -9.45 -10.30 -21.15
N LYS B 162 -9.50 -9.59 -22.28
CA LYS B 162 -8.49 -9.75 -23.32
C LYS B 162 -7.11 -9.38 -22.80
N HIS B 163 -6.97 -8.16 -22.29
CA HIS B 163 -5.94 -7.86 -21.30
C HIS B 163 -6.12 -8.84 -20.16
N PHE B 164 -5.02 -9.38 -19.64
CA PHE B 164 -5.01 -10.54 -18.72
C PHE B 164 -4.44 -11.69 -19.54
N ILE B 165 -5.20 -12.09 -20.56
CA ILE B 165 -4.65 -13.06 -21.51
C ILE B 165 -3.38 -12.51 -22.14
N ASP B 166 -3.39 -11.23 -22.52
CA ASP B 166 -2.18 -10.64 -23.08
C ASP B 166 -1.09 -10.53 -22.02
N ARG B 167 -1.45 -10.00 -20.84
CA ARG B 167 -0.45 -9.87 -19.79
C ARG B 167 -0.07 -11.23 -19.18
N TYR B 168 -1.06 -12.02 -18.73
CA TYR B 168 -0.78 -13.22 -17.93
C TYR B 168 -0.76 -14.53 -18.72
N GLY B 169 -1.34 -14.57 -19.94
CA GLY B 169 -1.33 -15.79 -20.74
C GLY B 169 -2.46 -16.74 -20.40
N GLU B 170 -2.89 -17.55 -21.38
CA GLU B 170 -4.18 -18.25 -21.23
C GLU B 170 -4.09 -19.43 -20.25
N LYS B 171 -2.95 -20.13 -20.19
CA LYS B 171 -2.80 -21.22 -19.23
C LYS B 171 -3.04 -20.71 -17.81
N GLU B 172 -2.79 -19.43 -17.58
CA GLU B 172 -2.99 -18.80 -16.27
C GLU B 172 -4.41 -18.28 -16.12
N VAL B 173 -4.89 -17.46 -17.05
CA VAL B 173 -6.17 -16.79 -16.83
C VAL B 173 -7.35 -17.76 -16.89
N THR B 174 -7.24 -18.88 -17.60
CA THR B 174 -8.33 -19.84 -17.57
C THR B 174 -8.43 -20.58 -16.25
N GLN B 175 -7.39 -20.56 -15.41
CA GLN B 175 -7.55 -21.05 -14.05
C GLN B 175 -8.30 -20.07 -13.14
N TRP B 176 -8.72 -18.90 -13.65
CA TRP B 176 -9.39 -17.93 -12.81
C TRP B 176 -10.90 -18.04 -13.00
N PRO B 177 -11.67 -18.29 -11.95
CA PRO B 177 -13.12 -18.27 -12.09
C PRO B 177 -13.69 -16.86 -12.00
N PHE B 178 -14.78 -16.65 -12.73
CA PHE B 178 -15.42 -15.33 -12.78
C PHE B 178 -16.84 -15.45 -12.24
N GLU B 179 -17.10 -14.87 -11.08
CA GLU B 179 -18.47 -14.82 -10.59
C GLU B 179 -19.06 -13.46 -10.90
N ILE B 180 -20.35 -13.42 -11.21
CA ILE B 180 -20.97 -12.25 -11.81
C ILE B 180 -21.84 -11.58 -10.77
N TRP B 181 -21.35 -10.45 -10.26
CA TRP B 181 -22.01 -9.51 -9.34
C TRP B 181 -21.97 -9.98 -7.89
N ASN B 182 -22.77 -9.34 -7.04
CA ASN B 182 -22.82 -9.69 -5.64
C ASN B 182 -24.25 -9.49 -5.13
N GLU B 183 -24.79 -10.53 -4.48
CA GLU B 183 -26.06 -10.52 -3.76
C GLU B 183 -27.16 -9.73 -4.47
N PRO B 184 -27.49 -10.08 -5.72
CA PRO B 184 -28.53 -9.33 -6.45
C PRO B 184 -29.91 -9.44 -5.82
N ASN B 185 -30.18 -10.46 -5.02
CA ASN B 185 -31.47 -10.61 -4.36
C ASN B 185 -31.71 -9.57 -3.26
N LEU B 186 -30.75 -8.68 -2.99
CA LEU B 186 -30.92 -7.59 -2.04
C LEU B 186 -30.97 -6.28 -2.80
N THR B 187 -31.89 -5.39 -2.41
CA THR B 187 -31.98 -4.11 -3.11
C THR B 187 -30.78 -3.21 -2.86
N VAL B 188 -30.03 -3.41 -1.78
CA VAL B 188 -28.90 -2.51 -1.51
C VAL B 188 -27.71 -2.78 -2.43
N PHE B 189 -27.64 -3.96 -3.05
CA PHE B 189 -26.55 -4.33 -3.95
C PHE B 189 -26.95 -4.30 -5.42
N TRP B 190 -28.24 -4.23 -5.72
CA TRP B 190 -28.71 -4.34 -7.09
C TRP B 190 -30.02 -3.57 -7.17
N LYS B 191 -30.10 -2.65 -8.12
CA LYS B 191 -31.25 -1.77 -8.22
C LYS B 191 -32.53 -2.60 -8.24
N ASP B 192 -33.39 -2.35 -7.25
CA ASP B 192 -34.69 -3.00 -7.10
C ASP B 192 -34.60 -4.52 -6.92
N ALA B 193 -33.39 -5.07 -6.76
CA ALA B 193 -33.19 -6.52 -6.67
C ALA B 193 -33.90 -7.21 -7.82
N ASN B 194 -33.83 -6.59 -9.00
CA ASN B 194 -34.52 -7.02 -10.19
C ASN B 194 -33.92 -8.31 -10.72
N GLN B 195 -34.64 -9.43 -10.55
CA GLN B 195 -34.10 -10.71 -11.01
C GLN B 195 -33.97 -10.75 -12.53
N ALA B 196 -34.99 -10.27 -13.27
CA ALA B 196 -34.90 -10.30 -14.72
C ALA B 196 -33.67 -9.52 -15.22
N GLU B 197 -33.50 -8.29 -14.72
CA GLU B 197 -32.33 -7.49 -15.11
C GLU B 197 -31.02 -8.13 -14.65
N TYR B 198 -31.02 -8.81 -13.50
CA TYR B 198 -29.81 -9.55 -13.14
C TYR B 198 -29.53 -10.67 -14.12
N PHE B 199 -30.56 -11.30 -14.69
CA PHE B 199 -30.29 -12.34 -15.68
C PHE B 199 -29.73 -11.74 -16.97
N LYS B 200 -30.31 -10.64 -17.44
CA LYS B 200 -29.75 -10.00 -18.63
C LYS B 200 -28.28 -9.67 -18.41
N LEU B 201 -27.95 -9.18 -17.21
CA LEU B 201 -26.56 -8.84 -16.87
C LEU B 201 -25.70 -10.08 -16.86
N TYR B 202 -26.15 -11.15 -16.19
CA TYR B 202 -25.37 -12.38 -16.20
C TYR B 202 -25.17 -12.88 -17.62
N GLU B 203 -26.20 -12.77 -18.46
CA GLU B 203 -26.11 -13.32 -19.82
C GLU B 203 -25.19 -12.49 -20.70
N VAL B 204 -25.30 -11.16 -20.64
CA VAL B 204 -24.38 -10.33 -21.40
C VAL B 204 -22.94 -10.60 -20.96
N THR B 205 -22.72 -10.69 -19.65
CA THR B 205 -21.35 -10.72 -19.11
C THR B 205 -20.67 -12.05 -19.41
N VAL B 206 -21.32 -13.17 -19.10
CA VAL B 206 -20.66 -14.45 -19.34
C VAL B 206 -20.44 -14.68 -20.83
N LYS B 207 -21.30 -14.10 -21.67
CA LYS B 207 -21.12 -14.30 -23.10
C LYS B 207 -19.99 -13.43 -23.65
N ALA B 208 -19.74 -12.29 -23.01
CA ALA B 208 -18.54 -11.51 -23.32
C ALA B 208 -17.29 -12.30 -22.95
N ILE B 209 -17.24 -12.82 -21.73
CA ILE B 209 -16.08 -13.58 -21.27
C ILE B 209 -15.81 -14.76 -22.19
N LYS B 210 -16.84 -15.59 -22.42
CA LYS B 210 -16.65 -16.85 -23.15
C LYS B 210 -16.17 -16.59 -24.57
N GLU B 211 -16.64 -15.52 -25.20
CA GLU B 211 -16.20 -15.19 -26.56
C GLU B 211 -14.71 -14.88 -26.61
N VAL B 212 -14.13 -14.31 -25.55
CA VAL B 212 -12.69 -14.10 -25.53
C VAL B 212 -11.96 -15.42 -25.33
N ASN B 213 -12.37 -16.20 -24.33
CA ASN B 213 -11.80 -17.52 -24.16
C ASN B 213 -12.83 -18.42 -23.49
N GLU B 214 -13.32 -19.42 -24.22
CA GLU B 214 -14.40 -20.26 -23.72
C GLU B 214 -13.99 -21.13 -22.54
N ASN B 215 -12.67 -21.31 -22.32
CA ASN B 215 -12.21 -22.12 -21.20
C ASN B 215 -12.30 -21.42 -19.86
N ILE B 216 -12.61 -20.12 -19.82
CA ILE B 216 -12.73 -19.43 -18.55
C ILE B 216 -14.03 -19.83 -17.89
N LYS B 217 -13.95 -20.32 -16.66
CA LYS B 217 -15.15 -20.77 -15.96
C LYS B 217 -15.86 -19.57 -15.33
N VAL B 218 -17.19 -19.54 -15.45
CA VAL B 218 -18.02 -18.46 -14.92
C VAL B 218 -19.16 -19.07 -14.13
N GLY B 219 -19.86 -18.21 -13.39
CA GLY B 219 -20.93 -18.70 -12.55
C GLY B 219 -21.55 -17.59 -11.73
N GLY B 220 -22.47 -18.01 -10.87
CA GLY B 220 -23.34 -17.11 -10.14
C GLY B 220 -24.28 -17.90 -9.26
N PRO B 221 -25.34 -17.26 -8.75
CA PRO B 221 -25.72 -15.85 -8.86
C PRO B 221 -25.33 -15.00 -7.65
N ALA B 222 -24.50 -15.53 -6.75
CA ALA B 222 -23.84 -14.77 -5.69
C ALA B 222 -24.80 -14.20 -4.66
N ILE B 223 -25.94 -14.84 -4.43
CA ILE B 223 -26.94 -14.31 -3.51
C ILE B 223 -26.64 -14.78 -2.08
N CYS B 224 -27.15 -14.02 -1.12
CA CYS B 224 -27.20 -14.43 0.27
C CYS B 224 -28.45 -15.26 0.54
N GLY B 225 -28.44 -15.99 1.65
CA GLY B 225 -29.57 -16.81 2.02
C GLY B 225 -30.86 -16.02 2.16
N GLY B 226 -31.99 -16.74 2.13
CA GLY B 226 -33.30 -16.16 2.29
C GLY B 226 -34.04 -15.86 0.99
N SER B 227 -33.48 -16.25 -0.15
CA SER B 227 -34.07 -16.09 -1.48
C SER B 227 -33.68 -17.27 -2.34
N ASP B 228 -33.72 -18.47 -1.75
CA ASP B 228 -33.16 -19.63 -2.43
C ASP B 228 -33.87 -19.94 -3.73
N TYR B 229 -35.08 -19.40 -3.94
CA TYR B 229 -35.75 -19.63 -5.22
C TYR B 229 -34.98 -19.00 -6.37
N TRP B 230 -34.17 -17.97 -6.08
CA TRP B 230 -33.27 -17.41 -7.08
C TRP B 230 -32.38 -18.49 -7.68
N ILE B 231 -31.99 -19.49 -6.88
CA ILE B 231 -31.11 -20.52 -7.40
C ILE B 231 -31.84 -21.39 -8.40
N THR B 232 -33.10 -21.72 -8.13
CA THR B 232 -33.87 -22.47 -9.12
C THR B 232 -34.15 -21.60 -10.35
N ASP B 233 -34.55 -20.34 -10.14
CA ASP B 233 -34.86 -19.44 -11.26
C ASP B 233 -33.64 -19.20 -12.13
N PHE B 234 -32.51 -18.90 -11.50
CA PHE B 234 -31.26 -18.68 -12.23
C PHE B 234 -30.84 -19.93 -12.99
N LEU B 235 -30.95 -21.11 -12.37
CA LEU B 235 -30.50 -22.32 -13.07
C LEU B 235 -31.43 -22.67 -14.23
N ASN B 236 -32.74 -22.48 -14.07
CA ASN B 236 -33.66 -22.70 -15.18
C ASN B 236 -33.40 -21.71 -16.31
N PHE B 237 -33.14 -20.44 -15.95
CA PHE B 237 -32.88 -19.42 -16.95
C PHE B 237 -31.67 -19.75 -17.81
N CYS B 238 -30.61 -20.30 -17.19
CA CYS B 238 -29.42 -20.69 -17.95
C CYS B 238 -29.70 -21.91 -18.81
N TYR B 239 -30.63 -22.78 -18.39
CA TYR B 239 -30.90 -24.01 -19.13
C TYR B 239 -31.86 -23.78 -20.29
N LYS B 240 -32.91 -22.97 -20.07
CA LYS B 240 -33.88 -22.72 -21.14
C LYS B 240 -33.24 -21.97 -22.30
N ASN B 241 -32.67 -20.78 -22.03
CA ASN B 241 -31.73 -20.18 -22.96
C ASN B 241 -30.44 -20.99 -22.94
N ASN B 242 -29.48 -20.64 -23.77
CA ASN B 242 -28.25 -21.43 -23.75
C ASN B 242 -27.08 -20.65 -23.16
N VAL B 243 -27.32 -19.91 -22.08
CA VAL B 243 -26.23 -19.15 -21.45
C VAL B 243 -25.45 -20.09 -20.53
N PRO B 244 -24.13 -20.07 -20.56
CA PRO B 244 -23.35 -21.06 -19.82
C PRO B 244 -23.26 -20.74 -18.33
N VAL B 245 -23.17 -21.81 -17.53
CA VAL B 245 -22.88 -21.70 -16.10
C VAL B 245 -22.01 -22.88 -15.70
N ASP B 246 -20.87 -22.59 -15.09
CA ASP B 246 -19.90 -23.63 -14.73
C ASP B 246 -19.79 -23.80 -13.23
N PHE B 247 -20.42 -22.94 -12.44
CA PHE B 247 -20.50 -23.18 -11.00
C PHE B 247 -21.61 -22.33 -10.41
N LEU B 248 -22.01 -22.71 -9.19
CA LEU B 248 -22.96 -21.96 -8.39
C LEU B 248 -22.22 -21.22 -7.27
N THR B 249 -22.72 -20.03 -6.93
CA THR B 249 -22.18 -19.32 -5.78
C THR B 249 -23.31 -18.82 -4.93
N ARG B 250 -23.03 -18.70 -3.64
CA ARG B 250 -24.01 -18.31 -2.64
C ARG B 250 -23.23 -17.93 -1.39
N HIS B 251 -23.77 -17.01 -0.60
CA HIS B 251 -23.16 -16.63 0.66
C HIS B 251 -23.99 -17.14 1.84
N ALA B 252 -23.31 -17.55 2.91
CA ALA B 252 -23.98 -18.13 4.07
C ALA B 252 -23.49 -17.42 5.32
N TYR B 253 -24.41 -16.79 6.04
CA TYR B 253 -24.16 -16.22 7.34
C TYR B 253 -25.14 -16.82 8.35
N THR B 254 -24.95 -16.50 9.62
CA THR B 254 -25.79 -17.05 10.68
C THR B 254 -26.29 -15.99 11.64
N GLY B 255 -26.24 -14.72 11.26
CA GLY B 255 -26.61 -13.64 12.16
C GLY B 255 -28.09 -13.33 12.11
N LYS B 256 -28.72 -13.34 13.29
CA LYS B 256 -30.08 -12.83 13.48
C LYS B 256 -30.07 -11.31 13.27
N PRO B 257 -31.22 -10.66 13.18
CA PRO B 257 -31.23 -9.25 12.81
C PRO B 257 -30.49 -8.41 13.83
N PRO B 258 -29.87 -7.29 13.40
CA PRO B 258 -28.82 -6.65 14.20
C PRO B 258 -29.25 -5.41 14.92
N ILE B 259 -28.50 -5.07 15.98
CA ILE B 259 -28.65 -3.86 16.79
C ILE B 259 -27.54 -2.91 16.37
N TYR B 260 -27.87 -1.63 16.14
CA TYR B 260 -26.87 -0.66 15.65
C TYR B 260 -26.46 0.33 16.71
N THR B 261 -25.38 1.03 16.41
CA THR B 261 -24.64 1.88 17.33
C THR B 261 -23.68 2.74 16.52
N PRO B 262 -23.36 3.96 16.96
CA PRO B 262 -22.36 4.76 16.23
C PRO B 262 -21.03 4.04 16.00
N HIS B 263 -20.64 3.13 16.90
CA HIS B 263 -19.37 2.44 16.76
C HIS B 263 -19.48 0.94 16.59
N PHE B 264 -20.63 0.33 16.92
CA PHE B 264 -20.75 -1.12 16.93
C PHE B 264 -22.00 -1.58 16.19
N VAL B 265 -21.94 -2.80 15.69
CA VAL B 265 -23.12 -3.57 15.30
C VAL B 265 -23.09 -4.87 16.08
N TYR B 266 -24.14 -5.14 16.84
CA TYR B 266 -24.21 -6.34 17.66
C TYR B 266 -25.26 -7.30 17.09
N GLN B 267 -24.93 -8.58 17.08
CA GLN B 267 -25.77 -9.57 16.43
C GLN B 267 -25.78 -10.85 17.23
N ASP B 268 -26.96 -11.44 17.40
CA ASP B 268 -26.97 -12.82 17.84
C ASP B 268 -26.81 -13.74 16.63
N VAL B 269 -26.59 -15.03 16.87
CA VAL B 269 -26.32 -15.98 15.79
C VAL B 269 -27.05 -17.29 16.02
N HIS B 270 -27.42 -17.94 14.91
CA HIS B 270 -27.94 -19.30 14.92
C HIS B 270 -26.83 -20.27 15.32
N PRO B 271 -27.19 -21.44 15.85
CA PRO B 271 -26.18 -22.51 16.01
C PRO B 271 -25.51 -22.77 14.68
N ILE B 272 -24.24 -23.18 14.74
CA ILE B 272 -23.49 -23.43 13.51
C ILE B 272 -24.19 -24.46 12.61
N GLU B 273 -24.99 -25.38 13.18
CA GLU B 273 -25.69 -26.35 12.36
C GLU B 273 -26.61 -25.68 11.33
N TYR B 274 -27.13 -24.49 11.64
CA TYR B 274 -27.95 -23.73 10.69
C TYR B 274 -27.19 -23.49 9.38
N MET B 275 -25.88 -23.26 9.47
CA MET B 275 -25.10 -23.03 8.26
C MET B 275 -24.86 -24.34 7.52
N LEU B 276 -24.46 -25.39 8.24
CA LEU B 276 -24.20 -26.66 7.58
C LEU B 276 -25.47 -27.21 6.95
N ASN B 277 -26.62 -26.99 7.58
CA ASN B 277 -27.88 -27.33 6.94
C ASN B 277 -28.09 -26.54 5.65
N GLU B 278 -27.84 -25.22 5.71
CA GLU B 278 -27.94 -24.39 4.50
C GLU B 278 -27.01 -24.90 3.41
N PHE B 279 -25.83 -25.38 3.77
CA PHE B 279 -24.92 -25.93 2.75
C PHE B 279 -25.58 -27.07 1.99
N LYS B 280 -26.19 -28.00 2.71
CA LYS B 280 -26.59 -29.27 2.13
C LYS B 280 -27.90 -29.11 1.36
N THR B 281 -28.82 -28.29 1.89
CA THR B 281 -30.03 -28.04 1.10
C THR B 281 -29.70 -27.32 -0.20
N VAL B 282 -28.55 -26.64 -0.27
CA VAL B 282 -28.10 -26.05 -1.52
C VAL B 282 -27.52 -27.13 -2.44
N ARG B 283 -26.75 -28.08 -1.91
CA ARG B 283 -26.36 -29.23 -2.73
C ARG B 283 -27.56 -30.04 -3.19
N GLU B 284 -28.61 -30.09 -2.36
CA GLU B 284 -29.85 -30.75 -2.78
C GLU B 284 -30.43 -30.06 -4.00
N MET B 285 -30.61 -28.74 -3.93
CA MET B 285 -31.19 -27.99 -5.04
C MET B 285 -30.45 -28.28 -6.34
N VAL B 286 -29.12 -28.33 -6.28
CA VAL B 286 -28.33 -28.52 -7.49
C VAL B 286 -28.45 -29.95 -7.99
N LYS B 287 -28.70 -30.88 -7.10
CA LYS B 287 -28.84 -32.25 -7.58
C LYS B 287 -30.19 -32.47 -8.26
N ASN B 288 -31.21 -31.71 -7.86
CA ASN B 288 -32.50 -31.65 -8.55
C ASN B 288 -32.54 -30.57 -9.63
N SER B 289 -31.40 -30.01 -9.98
CA SER B 289 -31.29 -28.95 -10.98
C SER B 289 -31.08 -29.56 -12.35
N PRO B 290 -31.24 -28.77 -13.41
CA PRO B 290 -30.78 -29.20 -14.74
C PRO B 290 -29.28 -29.48 -14.82
N PHE B 291 -28.48 -29.09 -13.81
CA PHE B 291 -27.03 -29.33 -13.79
C PHE B 291 -26.71 -30.09 -12.51
N PRO B 292 -26.92 -31.41 -12.49
CA PRO B 292 -26.82 -32.14 -11.21
C PRO B 292 -25.43 -32.20 -10.62
N ASN B 293 -24.37 -31.97 -11.39
CA ASN B 293 -23.00 -32.05 -10.87
C ASN B 293 -22.32 -30.68 -10.80
N LEU B 294 -23.10 -29.61 -10.76
CA LEU B 294 -22.53 -28.27 -10.76
C LEU B 294 -21.64 -28.09 -9.54
N PRO B 295 -20.44 -27.52 -9.71
CA PRO B 295 -19.63 -27.18 -8.53
C PRO B 295 -20.25 -26.01 -7.79
N ILE B 296 -20.21 -26.06 -6.46
CA ILE B 296 -20.75 -25.00 -5.62
C ILE B 296 -19.61 -24.32 -4.87
N HIS B 297 -19.59 -22.99 -4.90
CA HIS B 297 -18.60 -22.17 -4.22
C HIS B 297 -19.33 -21.22 -3.28
N ILE B 298 -19.16 -21.41 -1.98
CA ILE B 298 -19.70 -20.47 -1.01
C ILE B 298 -18.70 -19.31 -0.93
N THR B 299 -18.93 -18.27 -1.70
CA THR B 299 -17.93 -17.23 -1.88
C THR B 299 -17.91 -16.21 -0.74
N GLU B 300 -18.65 -16.47 0.35
CA GLU B 300 -18.61 -15.63 1.54
C GLU B 300 -19.21 -16.44 2.67
N PHE B 301 -18.55 -16.44 3.84
CA PHE B 301 -19.22 -17.01 5.01
C PHE B 301 -18.56 -16.48 6.28
N ASN B 302 -19.36 -16.49 7.36
CA ASN B 302 -19.00 -15.97 8.67
C ASN B 302 -20.24 -16.07 9.56
N SER B 303 -20.04 -15.89 10.86
CA SER B 303 -21.19 -15.74 11.74
C SER B 303 -21.91 -14.42 11.43
N SER B 304 -21.58 -13.36 12.16
CA SER B 304 -22.14 -12.05 11.89
C SER B 304 -21.73 -11.56 10.50
N TYR B 305 -22.58 -10.74 9.90
CA TYR B 305 -22.33 -10.27 8.53
C TYR B 305 -22.02 -8.77 8.48
N HIS B 306 -21.53 -8.18 9.58
CA HIS B 306 -21.22 -6.76 9.54
C HIS B 306 -19.75 -6.52 9.88
N PRO B 307 -19.08 -5.59 9.19
CA PRO B 307 -17.64 -5.40 9.43
C PRO B 307 -17.32 -4.73 10.74
N LEU B 308 -18.29 -4.34 11.55
CA LEU B 308 -18.04 -3.74 12.85
C LEU B 308 -18.65 -4.55 13.99
N CYS B 309 -18.66 -5.87 13.90
CA CYS B 309 -19.32 -6.69 14.92
C CYS B 309 -18.29 -7.42 15.78
N PRO B 310 -18.15 -7.07 17.04
CA PRO B 310 -17.04 -7.62 17.83
C PRO B 310 -16.97 -9.14 17.85
N ILE B 311 -18.06 -9.83 17.49
CA ILE B 311 -18.04 -11.30 17.54
C ILE B 311 -16.87 -11.86 16.74
N HIS B 312 -16.45 -11.16 15.69
CA HIS B 312 -15.37 -11.66 14.85
C HIS B 312 -14.03 -11.66 15.56
N ASP B 313 -13.88 -10.90 16.66
CA ASP B 313 -12.61 -10.78 17.37
C ASP B 313 -12.43 -11.84 18.46
N THR B 314 -13.47 -12.59 18.80
CA THR B 314 -13.52 -13.36 20.03
C THR B 314 -12.94 -14.76 19.84
N PRO B 315 -12.62 -15.47 20.92
CA PRO B 315 -12.35 -16.90 20.77
C PRO B 315 -13.62 -17.69 20.47
N PHE B 316 -14.81 -17.13 20.72
CA PHE B 316 -16.05 -17.80 20.35
C PHE B 316 -16.10 -18.06 18.85
N ASN B 317 -15.76 -17.06 18.05
CA ASN B 317 -15.93 -17.23 16.61
C ASN B 317 -14.95 -18.27 16.06
N ALA B 318 -13.82 -18.48 16.72
CA ALA B 318 -12.96 -19.59 16.34
C ALA B 318 -13.65 -20.92 16.59
N ALA B 319 -14.08 -21.14 17.84
CA ALA B 319 -14.72 -22.41 18.19
C ALA B 319 -16.00 -22.63 17.39
N TYR B 320 -16.75 -21.55 17.15
CA TYR B 320 -18.05 -21.67 16.50
C TYR B 320 -17.92 -22.02 15.03
N LEU B 321 -16.93 -21.43 14.35
CA LEU B 321 -16.73 -21.70 12.92
C LEU B 321 -15.98 -22.99 12.67
N ALA B 322 -15.39 -23.60 13.69
CA ALA B 322 -14.53 -24.75 13.47
C ALA B 322 -15.26 -25.89 12.77
N ARG B 323 -16.52 -26.15 13.15
CA ARG B 323 -17.23 -27.27 12.53
C ARG B 323 -17.35 -27.09 11.03
N VAL B 324 -17.46 -25.86 10.54
CA VAL B 324 -17.58 -25.64 9.09
C VAL B 324 -16.36 -26.20 8.37
N LEU B 325 -15.17 -26.04 8.96
CA LEU B 325 -13.98 -26.54 8.28
C LEU B 325 -13.91 -28.05 8.35
N SER B 326 -14.52 -28.66 9.38
CA SER B 326 -14.57 -30.12 9.48
C SER B 326 -15.49 -30.73 8.43
N GLU B 327 -16.68 -30.15 8.23
CA GLU B 327 -17.73 -30.80 7.45
C GLU B 327 -18.07 -30.10 6.16
N GLY B 328 -17.75 -28.81 6.02
CA GLY B 328 -18.27 -28.04 4.90
C GLY B 328 -17.97 -28.65 3.54
N GLY B 329 -16.82 -29.31 3.39
CA GLY B 329 -16.43 -29.90 2.12
C GLY B 329 -17.17 -31.17 1.75
N ASP B 330 -17.99 -31.69 2.68
CA ASP B 330 -18.89 -32.77 2.31
C ASP B 330 -19.91 -32.30 1.30
N TYR B 331 -20.22 -31.01 1.28
CA TYR B 331 -21.30 -30.49 0.46
C TYR B 331 -20.79 -29.61 -0.67
N VAL B 332 -20.11 -28.51 -0.38
CA VAL B 332 -19.73 -27.54 -1.39
C VAL B 332 -18.24 -27.66 -1.72
N ASP B 333 -17.89 -27.29 -2.96
CA ASP B 333 -16.51 -27.42 -3.43
C ASP B 333 -15.58 -26.38 -2.81
N SER B 334 -16.12 -25.32 -2.23
CA SER B 334 -15.30 -24.29 -1.58
C SER B 334 -16.18 -23.44 -0.69
N PHE B 335 -15.59 -22.98 0.40
CA PHE B 335 -16.25 -22.02 1.25
C PHE B 335 -15.21 -21.01 1.71
N SER B 336 -15.44 -19.73 1.43
CA SER B 336 -14.39 -18.72 1.50
C SER B 336 -14.71 -17.79 2.66
N TYR B 337 -13.86 -17.85 3.68
CA TYR B 337 -14.04 -17.02 4.86
C TYR B 337 -13.84 -15.54 4.51
N TRP B 338 -14.83 -14.74 4.91
CA TRP B 338 -14.83 -13.29 4.77
C TRP B 338 -14.38 -12.71 6.11
N THR B 339 -13.15 -12.21 6.21
CA THR B 339 -12.15 -11.95 5.18
C THR B 339 -10.82 -12.34 5.76
N PHE B 340 -9.75 -12.26 4.96
CA PHE B 340 -8.44 -12.61 5.49
C PHE B 340 -7.85 -11.55 6.39
N SER B 341 -8.20 -10.27 6.20
CA SER B 341 -7.58 -9.22 6.98
C SER B 341 -8.63 -8.16 7.33
N ASP B 342 -8.35 -7.42 8.40
CA ASP B 342 -9.21 -6.29 8.73
C ASP B 342 -9.05 -5.13 7.77
N VAL B 343 -8.05 -5.16 6.87
CA VAL B 343 -7.98 -4.19 5.79
C VAL B 343 -9.32 -4.17 5.08
N PHE B 344 -10.14 -3.17 5.38
CA PHE B 344 -11.54 -3.17 4.99
C PHE B 344 -12.03 -1.74 5.09
N GLU B 345 -12.93 -1.33 4.18
CA GLU B 345 -13.46 0.02 4.28
C GLU B 345 -14.97 0.14 4.10
N GLU B 346 -15.71 -0.97 4.07
CA GLU B 346 -17.14 -0.90 3.78
C GLU B 346 -17.88 -0.06 4.80
N ALA B 347 -17.40 -0.03 6.05
CA ALA B 347 -18.04 0.76 7.08
C ALA B 347 -17.08 1.83 7.54
N ASP B 348 -16.46 2.50 6.58
CA ASP B 348 -15.48 3.54 6.83
C ASP B 348 -14.21 2.90 7.37
N VAL B 349 -13.25 3.74 7.74
CA VAL B 349 -11.96 3.27 8.26
C VAL B 349 -12.16 2.82 9.70
N PRO B 350 -11.69 1.63 10.09
CA PRO B 350 -11.88 1.21 11.49
C PRO B 350 -11.28 2.25 12.42
N ARG B 351 -11.93 2.44 13.57
CA ARG B 351 -11.51 3.46 14.54
C ARG B 351 -10.93 2.85 15.80
N SER B 352 -10.56 1.57 15.74
CA SER B 352 -9.94 0.89 16.88
C SER B 352 -9.30 -0.39 16.36
N LEU B 353 -8.18 -0.75 16.98
CA LEU B 353 -7.43 -1.92 16.52
C LEU B 353 -8.31 -3.16 16.52
N PHE B 354 -9.07 -3.38 17.59
CA PHE B 354 -10.14 -4.36 17.61
C PHE B 354 -11.46 -3.62 17.45
N HIS B 355 -12.13 -3.87 16.33
CA HIS B 355 -13.32 -3.13 15.96
C HIS B 355 -14.41 -4.04 15.43
N GLY B 356 -14.22 -5.36 15.46
CA GLY B 356 -15.19 -6.28 14.92
C GLY B 356 -15.02 -6.57 13.45
N GLY B 357 -13.84 -6.36 12.89
CA GLY B 357 -13.64 -6.58 11.48
C GLY B 357 -13.70 -8.06 11.12
N PHE B 358 -13.96 -8.31 9.84
CA PHE B 358 -14.04 -9.67 9.35
C PHE B 358 -12.71 -10.40 9.36
N GLY B 359 -11.60 -9.70 9.52
CA GLY B 359 -10.32 -10.27 9.14
C GLY B 359 -9.92 -11.46 9.99
N LEU B 360 -9.32 -12.46 9.35
CA LEU B 360 -8.59 -13.46 10.12
C LEU B 360 -7.47 -12.80 10.92
N VAL B 361 -6.92 -11.71 10.40
CA VAL B 361 -5.74 -11.08 10.95
C VAL B 361 -6.02 -9.60 11.19
N ALA B 362 -5.87 -9.17 12.45
CA ALA B 362 -5.98 -7.77 12.79
C ALA B 362 -4.73 -7.03 12.33
N PHE B 363 -4.79 -5.69 12.35
CA PHE B 363 -3.67 -4.89 11.86
C PHE B 363 -2.38 -5.29 12.54
N HIS B 364 -1.24 -4.96 11.94
CA HIS B 364 0.08 -5.32 12.44
C HIS B 364 0.30 -6.82 12.45
N ASN B 365 -0.50 -7.57 11.70
CA ASN B 365 -0.36 -9.03 11.63
C ASN B 365 -0.48 -9.65 13.03
N ILE B 366 -1.48 -9.21 13.78
CA ILE B 366 -1.85 -9.84 15.04
C ILE B 366 -2.94 -10.87 14.73
N PRO B 367 -2.64 -12.16 14.79
CA PRO B 367 -3.64 -13.18 14.49
C PRO B 367 -4.75 -13.21 15.53
N LYS B 368 -5.99 -13.30 15.07
CA LYS B 368 -7.15 -13.50 15.91
C LYS B 368 -7.31 -14.98 16.20
N PRO B 369 -8.11 -15.34 17.22
CA PRO B 369 -8.33 -16.77 17.50
C PRO B 369 -8.72 -17.55 16.26
N VAL B 370 -9.63 -17.00 15.45
CA VAL B 370 -10.07 -17.69 14.24
C VAL B 370 -8.87 -18.05 13.35
N PHE B 371 -7.84 -17.20 13.30
CA PHE B 371 -6.70 -17.51 12.42
C PHE B 371 -6.03 -18.81 12.84
N HIS B 372 -5.78 -18.96 14.14
CA HIS B 372 -5.09 -20.14 14.62
C HIS B 372 -5.91 -21.38 14.39
N MET B 373 -7.23 -21.28 14.54
CA MET B 373 -8.10 -22.40 14.28
C MET B 373 -7.90 -22.88 12.85
N PHE B 374 -7.85 -21.94 11.90
CA PHE B 374 -7.59 -22.29 10.51
C PHE B 374 -6.27 -23.03 10.36
N THR B 375 -5.23 -22.58 11.04
CA THR B 375 -3.95 -23.23 10.84
C THR B 375 -3.96 -24.66 11.36
N PHE B 376 -4.84 -24.99 12.32
CA PHE B 376 -4.86 -26.34 12.87
C PHE B 376 -5.21 -27.36 11.78
N PHE B 377 -6.08 -26.98 10.85
CA PHE B 377 -6.48 -27.91 9.81
C PHE B 377 -5.36 -28.19 8.83
N ASN B 378 -4.29 -27.39 8.84
CA ASN B 378 -3.09 -27.83 8.16
C ASN B 378 -2.61 -29.19 8.65
N ALA B 379 -3.04 -29.62 9.83
CA ALA B 379 -2.48 -30.85 10.37
C ALA B 379 -3.33 -32.07 10.05
N MET B 380 -4.50 -31.91 9.44
CA MET B 380 -5.37 -33.03 9.13
C MET B 380 -4.86 -33.80 7.93
N GLY B 381 -4.83 -35.13 8.05
CA GLY B 381 -4.59 -35.99 6.91
C GLY B 381 -5.87 -36.23 6.15
N GLU B 382 -5.75 -36.93 5.03
CA GLU B 382 -6.94 -37.22 4.23
C GLU B 382 -7.83 -38.29 4.88
N LYS B 383 -7.24 -39.25 5.58
CA LYS B 383 -7.95 -40.42 6.07
C LYS B 383 -8.61 -40.07 7.41
N ILE B 384 -9.94 -40.03 7.43
CA ILE B 384 -10.67 -39.65 8.64
C ILE B 384 -10.84 -40.86 9.55
N LEU B 385 -10.28 -40.79 10.74
CA LEU B 385 -10.47 -41.90 11.66
C LEU B 385 -11.84 -41.84 12.33
N TYR B 386 -12.32 -40.64 12.65
CA TYR B 386 -13.56 -40.45 13.41
C TYR B 386 -14.00 -39.01 13.26
N ARG B 387 -15.30 -38.75 13.50
CA ARG B 387 -15.78 -37.36 13.55
C ARG B 387 -17.24 -37.20 13.99
N ASP B 388 -17.49 -36.37 15.02
CA ASP B 388 -18.85 -35.92 15.31
C ASP B 388 -18.93 -34.40 15.33
N ASP B 389 -20.04 -33.86 15.87
CA ASP B 389 -20.28 -32.42 15.86
C ASP B 389 -19.14 -31.58 16.47
N HIS B 390 -18.23 -32.18 17.25
CA HIS B 390 -17.25 -31.34 17.92
C HIS B 390 -15.84 -31.94 17.93
N ILE B 391 -15.51 -32.83 16.99
CA ILE B 391 -14.14 -33.33 16.89
C ILE B 391 -13.92 -33.90 15.49
N LEU B 392 -12.67 -33.84 15.03
CA LEU B 392 -12.25 -34.44 13.77
C LEU B 392 -10.93 -35.15 14.04
N ILE B 393 -10.85 -36.43 13.68
CA ILE B 393 -9.63 -37.20 13.89
C ILE B 393 -9.21 -37.79 12.57
N THR B 394 -7.92 -37.63 12.24
CA THR B 394 -7.40 -37.97 10.91
C THR B 394 -6.06 -38.65 11.04
N GLU B 395 -5.65 -39.32 9.96
CA GLU B 395 -4.36 -40.00 9.88
C GLU B 395 -3.61 -39.49 8.66
N ARG B 396 -2.42 -38.95 8.89
CA ARG B 396 -1.57 -38.37 7.85
C ARG B 396 -0.81 -39.49 7.13
N GLU B 397 -0.12 -39.12 6.04
CA GLU B 397 0.54 -40.12 5.21
C GLU B 397 1.68 -40.81 5.94
N ASP B 398 2.38 -40.13 6.84
CA ASP B 398 3.41 -40.78 7.65
C ASP B 398 2.82 -41.66 8.75
N LYS B 399 1.50 -41.85 8.73
CA LYS B 399 0.74 -42.67 9.65
C LYS B 399 0.84 -42.19 11.11
N SER B 400 1.18 -40.92 11.33
CA SER B 400 0.90 -40.27 12.60
C SER B 400 -0.57 -39.80 12.63
N VAL B 401 -1.07 -39.57 13.85
CA VAL B 401 -2.48 -39.26 14.08
C VAL B 401 -2.57 -37.82 14.57
N ALA B 402 -3.61 -37.12 14.12
CA ALA B 402 -3.85 -35.73 14.51
C ALA B 402 -5.34 -35.55 14.72
N LEU B 403 -5.72 -34.57 15.52
CA LEU B 403 -7.14 -34.36 15.78
C LEU B 403 -7.36 -32.92 16.19
N ILE B 404 -8.55 -32.41 15.91
CA ILE B 404 -8.94 -31.06 16.28
C ILE B 404 -10.30 -31.12 16.95
N ALA B 405 -10.39 -30.60 18.17
CA ALA B 405 -11.66 -30.50 18.87
C ALA B 405 -11.96 -29.05 19.22
N TRP B 406 -13.24 -28.69 19.17
CA TRP B 406 -13.70 -27.35 19.48
C TRP B 406 -14.79 -27.42 20.54
N ASN B 407 -15.21 -26.25 21.02
CA ASN B 407 -16.21 -26.20 22.07
C ASN B 407 -16.82 -24.81 22.10
N GLU B 408 -17.75 -24.53 21.21
CA GLU B 408 -18.34 -23.21 21.15
C GLU B 408 -19.43 -23.10 22.20
N VAL B 409 -19.45 -21.99 22.93
CA VAL B 409 -20.34 -21.82 24.07
C VAL B 409 -21.09 -20.50 23.89
N MET B 410 -22.35 -20.58 23.50
CA MET B 410 -23.12 -19.40 23.14
C MET B 410 -23.66 -18.62 24.34
N THR B 411 -23.78 -19.24 25.53
CA THR B 411 -24.52 -18.65 26.64
C THR B 411 -23.78 -18.79 27.96
N LYS B 412 -24.06 -17.86 28.89
CA LYS B 412 -23.57 -18.01 30.26
C LYS B 412 -24.10 -19.29 30.93
N GLU B 413 -25.35 -19.67 30.62
CA GLU B 413 -26.07 -20.75 31.30
C GLU B 413 -25.83 -22.14 30.71
N GLU B 414 -25.20 -22.22 29.53
CA GLU B 414 -24.86 -23.49 28.90
C GLU B 414 -23.87 -24.29 29.74
N ASN B 415 -23.89 -25.60 29.52
CA ASN B 415 -22.75 -26.44 29.89
C ASN B 415 -21.45 -25.82 29.36
N GLN B 416 -20.53 -25.47 30.28
CA GLN B 416 -19.35 -24.70 29.88
C GLN B 416 -18.15 -25.55 29.47
N GLU B 417 -17.93 -26.73 30.07
CA GLU B 417 -16.80 -27.55 29.68
C GLU B 417 -17.26 -28.69 28.77
N ARG B 418 -16.29 -29.33 28.13
CA ARG B 418 -16.57 -30.41 27.20
C ARG B 418 -15.44 -31.42 27.32
N LYS B 419 -15.72 -32.57 27.93
CA LYS B 419 -14.69 -33.53 28.28
C LYS B 419 -14.59 -34.62 27.22
N TYR B 420 -13.36 -34.98 26.88
CA TYR B 420 -13.10 -36.03 25.92
C TYR B 420 -12.19 -37.08 26.55
N ARG B 421 -12.45 -38.34 26.25
CA ARG B 421 -11.55 -39.45 26.56
C ARG B 421 -11.45 -40.25 25.28
N ILE B 422 -10.24 -40.35 24.73
CA ILE B 422 -10.05 -40.88 23.38
C ILE B 422 -9.01 -41.99 23.45
N GLU B 423 -9.38 -43.17 22.97
CA GLU B 423 -8.45 -44.28 22.86
C GLU B 423 -7.93 -44.35 21.43
N ILE B 424 -6.61 -44.33 21.28
CA ILE B 424 -5.98 -44.26 19.97
C ILE B 424 -5.02 -45.43 19.84
N PRO B 425 -5.19 -46.29 18.83
CA PRO B 425 -4.23 -47.38 18.64
C PRO B 425 -2.96 -46.86 18.00
N VAL B 426 -1.83 -47.38 18.50
CA VAL B 426 -0.52 -47.12 17.92
C VAL B 426 0.27 -48.41 18.03
N ASP B 427 1.04 -48.74 16.99
CA ASP B 427 1.78 -49.99 16.97
C ASP B 427 3.27 -49.82 17.29
N TYR B 428 3.67 -48.67 17.82
CA TYR B 428 5.03 -48.44 18.27
C TYR B 428 5.03 -48.26 19.79
N LYS B 429 6.22 -48.21 20.39
CA LYS B 429 6.34 -48.30 21.84
C LYS B 429 6.58 -46.96 22.54
N GLU B 430 7.13 -45.95 21.86
CA GLU B 430 7.34 -44.64 22.44
C GLU B 430 6.65 -43.59 21.57
N VAL B 431 5.70 -42.85 22.17
CA VAL B 431 4.90 -41.85 21.48
C VAL B 431 5.28 -40.46 21.97
N PHE B 432 5.21 -39.49 21.05
CA PHE B 432 5.41 -38.07 21.32
C PHE B 432 4.10 -37.34 21.03
N ILE B 433 3.60 -36.60 22.02
CA ILE B 433 2.33 -35.89 21.89
C ILE B 433 2.60 -34.38 21.89
N LYS B 434 2.01 -33.68 20.93
CA LYS B 434 2.10 -32.23 20.85
C LYS B 434 0.70 -31.66 20.83
N GLN B 435 0.48 -30.63 21.64
CA GLN B 435 -0.86 -30.08 21.78
C GLN B 435 -0.79 -28.57 21.66
N LYS B 436 -1.70 -28.01 20.89
CA LYS B 436 -1.83 -26.58 20.69
C LYS B 436 -3.22 -26.18 21.17
N LEU B 437 -3.28 -25.20 22.06
CA LEU B 437 -4.57 -24.79 22.59
C LEU B 437 -4.76 -23.29 22.42
N ILE B 438 -5.94 -22.91 21.95
CA ILE B 438 -6.42 -21.54 22.04
C ILE B 438 -7.77 -21.58 22.75
N ASP B 439 -7.96 -20.67 23.71
CA ASP B 439 -9.26 -20.50 24.34
C ASP B 439 -9.40 -19.06 24.84
N GLU B 440 -10.21 -18.83 25.89
CA GLU B 440 -10.33 -17.47 26.41
C GLU B 440 -9.06 -17.00 27.09
N GLU B 441 -8.18 -17.93 27.45
CA GLU B 441 -6.97 -17.64 28.19
C GLU B 441 -5.76 -17.52 27.28
N TYR B 442 -5.65 -18.42 26.31
CA TYR B 442 -4.48 -18.58 25.47
C TYR B 442 -4.86 -18.26 24.03
N GLY B 443 -4.00 -17.49 23.35
CA GLY B 443 -4.29 -17.00 22.01
C GLY B 443 -5.44 -16.04 21.92
N ASN B 444 -5.73 -15.28 22.98
CA ASN B 444 -6.88 -14.37 23.01
C ASN B 444 -6.41 -12.91 23.15
N PRO B 445 -5.83 -12.34 22.10
CA PRO B 445 -5.32 -10.96 22.21
C PRO B 445 -6.39 -9.93 22.52
N TRP B 446 -7.63 -10.14 22.05
CA TRP B 446 -8.74 -9.28 22.41
C TRP B 446 -8.85 -9.07 23.92
N ARG B 447 -8.70 -10.14 24.70
CA ARG B 447 -8.78 -9.98 26.14
C ARG B 447 -7.68 -9.07 26.68
N THR B 448 -6.44 -9.28 26.23
CA THR B 448 -5.35 -8.43 26.68
C THR B 448 -5.57 -7.00 26.25
N TRP B 449 -5.99 -6.82 25.00
CA TRP B 449 -6.41 -5.50 24.53
C TRP B 449 -7.37 -4.85 25.50
N ILE B 450 -8.36 -5.60 26.00
CA ILE B 450 -9.30 -5.03 26.97
C ILE B 450 -8.57 -4.62 28.24
N GLN B 451 -7.75 -5.51 28.80
CA GLN B 451 -7.05 -5.18 30.03
C GLN B 451 -6.19 -3.96 29.85
N MET B 452 -5.60 -3.80 28.65
CA MET B 452 -4.75 -2.66 28.34
C MET B 452 -5.50 -1.34 28.36
N GLY B 453 -6.82 -1.38 28.43
CA GLY B 453 -7.63 -0.18 28.44
C GLY B 453 -8.43 0.05 27.17
N ARG B 454 -8.52 -0.97 26.32
CA ARG B 454 -9.14 -0.85 25.00
C ARG B 454 -8.56 0.30 24.17
N PRO B 455 -7.24 0.36 24.01
CA PRO B 455 -6.65 1.51 23.28
C PRO B 455 -7.04 1.48 21.81
N ARG B 456 -7.60 2.60 21.31
CA ARG B 456 -8.03 2.66 19.91
C ARG B 456 -6.82 2.63 18.98
N PHE B 457 -5.73 3.30 19.36
CA PHE B 457 -4.56 3.45 18.52
C PHE B 457 -3.33 3.15 19.36
N PRO B 458 -3.02 1.89 19.56
CA PRO B 458 -2.02 1.52 20.55
C PRO B 458 -0.58 1.84 20.14
N SER B 459 0.29 1.88 21.14
CA SER B 459 1.71 2.13 20.94
C SER B 459 2.36 0.93 20.24
N LYS B 460 3.63 1.10 19.83
CA LYS B 460 4.37 -0.05 19.36
C LYS B 460 4.51 -1.11 20.45
N LYS B 461 4.86 -0.68 21.65
CA LYS B 461 5.08 -1.61 22.75
C LYS B 461 3.80 -2.38 23.04
N GLN B 462 2.66 -1.70 22.98
CA GLN B 462 1.40 -2.41 23.18
C GLN B 462 1.18 -3.45 22.08
N ILE B 463 1.45 -3.08 20.83
CA ILE B 463 1.32 -4.01 19.71
C ILE B 463 2.17 -5.25 19.96
N GLU B 464 3.44 -5.05 20.33
CA GLU B 464 4.34 -6.20 20.45
C GLU B 464 3.91 -7.12 21.58
N THR B 465 3.32 -6.56 22.64
CA THR B 465 2.81 -7.39 23.72
C THR B 465 1.57 -8.18 23.25
N LEU B 466 0.68 -7.55 22.48
CA LEU B 466 -0.41 -8.31 21.88
C LEU B 466 0.10 -9.40 20.95
N ARG B 467 1.26 -9.18 20.31
CA ARG B 467 1.79 -10.23 19.45
C ARG B 467 2.28 -11.40 20.27
N GLU B 468 2.88 -11.11 21.43
CA GLU B 468 3.43 -12.15 22.29
C GLU B 468 2.34 -13.10 22.76
N VAL B 469 1.16 -12.56 23.09
CA VAL B 469 0.07 -13.43 23.55
C VAL B 469 -0.71 -14.03 22.39
N ALA B 470 -0.64 -13.46 21.20
CA ALA B 470 -1.53 -13.88 20.12
C ALA B 470 -1.08 -15.19 19.48
N THR B 471 -0.90 -16.25 20.28
CA THR B 471 -0.30 -17.48 19.79
C THR B 471 -0.78 -18.64 20.67
N PRO B 472 -0.96 -19.85 20.11
CA PRO B 472 -1.52 -20.95 20.89
C PRO B 472 -0.55 -21.44 21.94
N LYS B 473 -1.12 -21.91 23.07
CA LYS B 473 -0.33 -22.60 24.08
C LYS B 473 0.08 -23.95 23.52
N VAL B 474 1.36 -24.26 23.60
CA VAL B 474 1.92 -25.45 22.98
C VAL B 474 2.62 -26.26 24.06
N THR B 475 2.21 -27.52 24.21
CA THR B 475 2.72 -28.39 25.24
C THR B 475 3.08 -29.73 24.60
N THR B 476 4.07 -30.41 25.20
CA THR B 476 4.62 -31.63 24.64
C THR B 476 4.78 -32.68 25.72
N PHE B 477 4.45 -33.92 25.40
CA PHE B 477 4.54 -35.03 26.32
C PHE B 477 5.20 -36.22 25.64
N ARG B 478 5.84 -37.06 26.46
CA ARG B 478 6.42 -38.30 26.01
C ARG B 478 5.93 -39.40 26.94
N LYS B 479 5.61 -40.56 26.38
CA LYS B 479 5.09 -41.63 27.21
C LYS B 479 5.31 -42.96 26.50
N THR B 480 5.40 -44.02 27.30
CA THR B 480 5.48 -45.36 26.78
C THR B 480 4.09 -45.88 26.43
N VAL B 481 3.99 -46.63 25.36
CA VAL B 481 2.73 -47.18 24.91
C VAL B 481 2.57 -48.58 25.50
N GLU B 482 1.46 -48.81 26.19
CA GLU B 482 1.17 -50.14 26.75
C GLU B 482 -0.07 -50.72 26.10
N ASN B 483 0.02 -51.99 25.70
CA ASN B 483 -1.11 -52.73 25.12
C ASN B 483 -1.56 -52.13 23.80
N GLY B 484 -0.60 -51.65 23.00
CA GLY B 484 -0.91 -51.20 21.65
C GLY B 484 -1.84 -50.02 21.51
N HIS B 485 -2.05 -49.23 22.57
CA HIS B 485 -2.87 -48.03 22.44
C HIS B 485 -2.44 -47.00 23.47
N ILE B 486 -2.89 -45.76 23.27
CA ILE B 486 -2.74 -44.68 24.23
C ILE B 486 -4.11 -44.06 24.49
N THR B 487 -4.18 -43.25 25.54
CA THR B 487 -5.43 -42.62 25.96
C THR B 487 -5.19 -41.14 26.15
N LEU B 488 -5.93 -40.33 25.40
CA LEU B 488 -5.90 -38.87 25.54
C LEU B 488 -7.13 -38.46 26.33
N GLU B 489 -6.92 -37.99 27.55
CA GLU B 489 -8.00 -37.37 28.33
C GLU B 489 -7.72 -35.88 28.46
N PHE B 490 -8.70 -35.06 28.07
CA PHE B 490 -8.54 -33.61 28.09
C PHE B 490 -9.90 -32.96 28.15
N THR B 491 -9.93 -31.75 28.72
CA THR B 491 -11.16 -30.99 28.91
C THR B 491 -11.03 -29.62 28.26
N LEU B 492 -11.85 -29.38 27.26
CA LEU B 492 -11.94 -28.05 26.66
C LEU B 492 -12.74 -27.14 27.56
N GLY B 493 -12.15 -25.99 27.90
CA GLY B 493 -12.87 -24.91 28.55
C GLY B 493 -13.75 -24.15 27.58
N LYS B 494 -14.27 -23.04 28.07
CA LYS B 494 -15.17 -22.19 27.30
C LYS B 494 -14.49 -21.73 26.00
N ASN B 495 -15.14 -22.01 24.87
CA ASN B 495 -14.76 -21.47 23.56
C ASN B 495 -13.36 -21.89 23.12
N ALA B 496 -12.91 -23.09 23.51
CA ALA B 496 -11.58 -23.54 23.16
C ALA B 496 -11.60 -24.29 21.83
N VAL B 497 -10.44 -24.28 21.17
CA VAL B 497 -10.10 -25.15 20.06
C VAL B 497 -8.70 -25.67 20.35
N THR B 498 -8.47 -26.96 20.06
CA THR B 498 -7.17 -27.54 20.34
C THR B 498 -6.82 -28.52 19.24
N LEU B 499 -5.52 -28.69 19.06
CA LEU B 499 -4.94 -29.62 18.10
C LEU B 499 -4.04 -30.57 18.86
N PHE B 500 -4.11 -31.86 18.51
CA PHE B 500 -3.22 -32.88 19.05
C PHE B 500 -2.48 -33.54 17.90
N GLU B 501 -1.20 -33.85 18.09
CA GLU B 501 -0.46 -34.60 17.10
C GLU B 501 0.33 -35.72 17.76
N ILE B 502 0.01 -36.96 17.40
CA ILE B 502 0.56 -38.17 18.00
C ILE B 502 1.53 -38.78 16.99
N SER B 503 2.78 -38.97 17.40
CA SER B 503 3.78 -39.48 16.47
C SER B 503 4.79 -40.33 17.23
N LYS B 504 5.50 -41.15 16.46
CA LYS B 504 6.38 -42.17 17.01
C LYS B 504 7.77 -41.60 17.33
N VAL B 505 8.33 -42.03 18.45
CA VAL B 505 9.67 -41.66 18.85
C VAL B 505 10.63 -42.76 18.46
N ILE B 506 11.69 -42.39 17.75
CA ILE B 506 12.81 -43.30 17.50
C ILE B 506 13.91 -42.81 18.43
N ASP B 507 13.91 -43.36 19.65
CA ASP B 507 14.82 -42.88 20.69
C ASP B 507 16.28 -43.10 20.31
N GLU B 508 17.08 -42.04 20.42
CA GLU B 508 18.52 -42.12 20.16
C GLU B 508 19.38 -42.00 21.42
N SER B 509 18.79 -41.99 22.62
CA SER B 509 19.58 -41.78 23.83
C SER B 509 20.62 -42.89 24.03
N HIS B 510 20.34 -44.09 23.52
CA HIS B 510 21.32 -45.16 23.65
C HIS B 510 22.64 -44.82 22.97
N THR B 511 22.60 -43.93 21.96
CA THR B 511 23.79 -43.60 21.17
C THR B 511 24.70 -42.59 21.85
N TYR B 512 24.25 -41.99 22.96
CA TYR B 512 25.01 -40.99 23.71
C TYR B 512 25.82 -41.68 24.81
N ILE B 513 27.12 -41.84 24.59
CA ILE B 513 27.92 -42.58 25.55
C ILE B 513 28.07 -41.76 26.82
N GLY B 514 27.82 -42.39 27.96
CA GLY B 514 27.95 -41.75 29.25
C GLY B 514 26.84 -40.78 29.60
N LEU B 515 25.72 -40.81 28.89
CA LEU B 515 24.66 -39.84 29.13
C LEU B 515 23.98 -40.13 30.45
N ASP B 516 23.93 -39.12 31.30
CA ASP B 516 23.41 -39.28 32.65
C ASP B 516 22.99 -37.88 33.13
N ASP B 517 21.72 -37.55 32.89
CA ASP B 517 21.17 -36.26 33.31
C ASP B 517 21.41 -35.99 34.80
N SER B 518 21.45 -37.04 35.62
CA SER B 518 21.56 -36.81 37.06
C SER B 518 22.87 -36.12 37.43
N LYS B 519 23.82 -36.05 36.52
CA LYS B 519 25.09 -35.39 36.80
C LYS B 519 25.08 -33.90 36.45
N ILE B 520 23.91 -33.32 36.18
CA ILE B 520 23.79 -31.91 35.86
C ILE B 520 23.24 -31.20 37.09
N PRO B 521 23.97 -30.24 37.67
CA PRO B 521 23.42 -29.37 38.71
C PRO B 521 22.03 -28.86 38.35
N GLY B 522 21.11 -28.91 39.31
CA GLY B 522 19.74 -28.54 39.02
C GLY B 522 18.69 -29.56 39.41
N GLY B 523 19.11 -30.68 40.02
CA GLY B 523 18.20 -31.72 40.45
C GLY B 523 17.50 -32.37 39.27
N TYR B 524 18.24 -33.12 38.46
CA TYR B 524 17.78 -33.58 37.15
C TYR B 524 17.75 -35.09 37.05
#